data_5EY9
#
_entry.id   5EY9
#
_cell.length_a   71.790
_cell.length_b   100.150
_cell.length_c   212.320
_cell.angle_alpha   90.00
_cell.angle_beta   90.00
_cell.angle_gamma   90.00
#
_symmetry.space_group_name_H-M   'P 21 21 21'
#
loop_
_entity.id
_entity.type
_entity.pdbx_description
1 polymer 'Long-chain-fatty-acid--AMP ligase FadD32'
2 non-polymer '[(2~{R},3~{S},4~{R},5~{R})-5-(6-aminopurin-9-yl)-3,4-bis(oxidanyl)oxolan-2-yl]methyl icosyl hydrogen phosphate'
3 non-polymer GLYCEROL
4 water water
#
_entity_poly.entity_id   1
_entity_poly.type   'polypeptide(L)'
_entity_poly.pdbx_seq_one_letter_code
;MAYHNPFIVNGKIRFPENTNLVRHVEKWARVRGDKLAYRFLDFSTERDGVERDILWSEFSARNRAVGARLQQVTQPGDRI
AILCPQNLDYLISFFGALYSGRIAVPLFDPAEPGHVGRLHAVLDDCTPSTILTTTDSAEGVRKFIRSRSAKERPRVIAVD
AVPTEVASTWQQPEANELTTAYLQYTSGSTRVPSGVQITHLNLPTNVLQVLNALEGQEGDRGVSWLPFFHDMGLITVLLA
SVLGHSFTFMTPAAFVRRPGRWIRELARKPGETGGTFSAAPNFAFEHAAMRGVPRDDEPPLDLSNVKGILNGSEPVSPAS
MRKFFKAFEPYGLRETAVKPSYGLAEATLFVSTTPMDEVPTVIHVDRDELNKQRFVEVAADAPNAVAQVSAGKVGVDEWA
VIVDTETASELPDGQIGEIWLHGNNLGIGYWGKEEESAQTFRNILKSRVPESHAEGAPDDGLWVRTGDYGTYFKGHLYIA
GRIKDLVIIDGRNHYPQDLEYTAQESTKALRVGYVAAFSVPANQLPQKVFDDPHAGLSFDPEDTSEQLVIVGERAAGTHK
LEYQPIADDIRAAIAVGHGVTVRDVLLVSAGTIPRTSSGKIGRRACRTAYIDGSLRSGVSSPTVFATGS
;
_entity_poly.pdbx_strand_id   A,B
#
loop_
_chem_comp.id
_chem_comp.type
_chem_comp.name
_chem_comp.formula
5SV non-polymer '[(2~{R},3~{S},4~{R},5~{R})-5-(6-aminopurin-9-yl)-3,4-bis(oxidanyl)oxolan-2-yl]methyl icosyl hydrogen phosphate' 'C30 H54 N5 O7 P'
GOL non-polymer GLYCEROL 'C3 H8 O3'
#
# COMPACT_ATOMS: atom_id res chain seq x y z
N TYR A 3 32.44 47.13 21.15
CA TYR A 3 32.71 45.70 20.98
C TYR A 3 34.09 45.49 20.37
N HIS A 4 34.69 44.34 20.65
CA HIS A 4 36.00 44.01 20.11
C HIS A 4 36.16 42.52 19.82
N ASN A 5 36.89 42.23 18.75
CA ASN A 5 37.29 40.86 18.42
C ASN A 5 38.69 40.87 17.81
N PRO A 6 39.58 40.00 18.32
CA PRO A 6 40.99 39.99 17.88
C PRO A 6 41.12 39.76 16.37
N PHE A 7 40.28 38.92 15.81
CA PHE A 7 40.35 38.59 14.39
C PHE A 7 39.69 39.65 13.50
N ILE A 8 39.12 40.68 14.11
CA ILE A 8 38.51 41.77 13.35
C ILE A 8 39.23 43.08 13.65
N VAL A 9 39.93 43.62 12.64
CA VAL A 9 40.60 44.90 12.82
C VAL A 9 40.17 45.84 11.68
N ASN A 10 39.74 47.04 12.07
CA ASN A 10 39.26 48.07 11.15
C ASN A 10 38.19 47.58 10.16
N GLY A 11 37.16 46.91 10.68
CA GLY A 11 36.05 46.46 9.86
C GLY A 11 36.40 45.35 8.89
N LYS A 12 37.48 44.63 9.18
CA LYS A 12 37.98 43.57 8.32
C LYS A 12 38.35 42.32 9.13
N ILE A 13 37.94 41.15 8.66
CA ILE A 13 38.36 39.90 9.28
C ILE A 13 39.82 39.59 8.97
N ARG A 14 40.64 39.53 10.02
CA ARG A 14 42.06 39.19 9.89
C ARG A 14 42.36 37.86 10.57
N PHE A 15 42.35 36.79 9.79
CA PHE A 15 42.64 35.45 10.29
C PHE A 15 44.12 35.14 10.22
N PRO A 16 44.64 34.39 11.22
CA PRO A 16 46.00 33.88 11.09
C PRO A 16 46.03 32.91 9.91
N GLU A 17 47.18 32.72 9.27
CA GLU A 17 47.26 31.82 8.14
C GLU A 17 47.00 30.38 8.56
N ASN A 18 46.50 29.57 7.63
CA ASN A 18 46.12 28.19 7.92
C ASN A 18 45.00 28.14 8.96
N THR A 19 43.90 28.84 8.68
CA THR A 19 42.79 28.93 9.63
C THR A 19 41.61 28.08 9.19
N ASN A 20 41.08 27.33 10.14
CA ASN A 20 39.96 26.42 9.92
C ASN A 20 39.32 26.05 11.26
N LEU A 21 38.09 25.54 11.20
CA LEU A 21 37.33 25.24 12.41
C LEU A 21 38.00 24.22 13.31
N VAL A 22 38.79 23.32 12.72
CA VAL A 22 39.47 22.27 13.48
C VAL A 22 40.45 22.87 14.49
N ARG A 23 41.23 23.86 14.04
CA ARG A 23 42.19 24.52 14.91
C ARG A 23 41.50 25.31 16.01
N HIS A 24 40.29 25.78 15.73
CA HIS A 24 39.53 26.56 16.70
C HIS A 24 39.07 25.71 17.89
N VAL A 25 38.60 24.50 17.60
CA VAL A 25 38.13 23.59 18.63
C VAL A 25 39.31 23.10 19.48
N GLU A 26 40.45 22.87 18.84
CA GLU A 26 41.64 22.42 19.54
C GLU A 26 42.14 23.46 20.54
N LYS A 27 41.95 24.73 20.20
CA LYS A 27 42.28 25.82 21.10
C LYS A 27 41.46 25.74 22.39
N TRP A 28 40.14 25.63 22.23
CA TRP A 28 39.25 25.60 23.39
C TRP A 28 39.42 24.32 24.19
N ALA A 29 39.86 23.26 23.53
CA ALA A 29 40.15 22.01 24.23
C ALA A 29 41.34 22.16 25.16
N ARG A 30 42.21 23.14 24.86
CA ARG A 30 43.42 23.37 25.63
C ARG A 30 43.24 24.38 26.76
N VAL A 31 42.54 25.47 26.47
CA VAL A 31 42.42 26.58 27.42
C VAL A 31 41.09 26.56 28.17
N ARG A 32 40.07 25.93 27.58
CA ARG A 32 38.76 25.81 28.22
C ARG A 32 38.34 24.34 28.32
N GLY A 33 39.32 23.45 28.45
CA GLY A 33 39.12 22.01 28.44
C GLY A 33 38.02 21.42 29.31
N ASP A 34 37.95 21.88 30.56
CA ASP A 34 37.02 21.31 31.52
C ASP A 34 35.66 22.00 31.50
N LYS A 35 35.41 22.84 30.50
CA LYS A 35 34.16 23.57 30.41
C LYS A 35 33.21 22.93 29.40
N LEU A 36 31.92 23.13 29.59
CA LEU A 36 30.91 22.51 28.75
C LEU A 36 31.00 22.99 27.30
N ALA A 37 31.10 22.04 26.37
CA ALA A 37 31.13 22.35 24.95
C ALA A 37 29.73 22.26 24.35
N TYR A 38 29.18 21.05 24.35
CA TYR A 38 27.81 20.84 23.89
C TYR A 38 27.01 20.03 24.90
N ARG A 39 25.74 20.41 25.07
CA ARG A 39 24.82 19.67 25.91
C ARG A 39 23.63 19.23 25.07
N PHE A 40 23.34 17.94 25.10
CA PHE A 40 22.19 17.40 24.40
C PHE A 40 21.06 17.13 25.38
N LEU A 41 19.96 17.86 25.22
CA LEU A 41 18.77 17.65 26.03
C LEU A 41 17.94 16.51 25.44
N ASP A 42 18.06 15.33 26.02
CA ASP A 42 17.40 14.14 25.50
C ASP A 42 16.01 13.98 26.11
N PHE A 43 14.98 14.10 25.27
CA PHE A 43 13.60 13.98 25.74
C PHE A 43 12.94 12.70 25.25
N SER A 44 13.75 11.74 24.81
CA SER A 44 13.24 10.50 24.23
C SER A 44 12.43 9.68 25.23
N THR A 45 13.02 9.40 26.39
CA THR A 45 12.31 8.61 27.40
C THR A 45 11.78 9.50 28.52
N GLU A 46 12.66 10.33 29.08
CA GLU A 46 12.28 11.22 30.17
C GLU A 46 11.65 12.51 29.65
N ARG A 47 10.46 12.82 30.18
CA ARG A 47 9.71 14.00 29.76
C ARG A 47 10.40 15.28 30.21
N ASP A 48 11.11 15.21 31.33
CA ASP A 48 11.81 16.37 31.88
C ASP A 48 13.11 16.63 31.12
N GLY A 49 13.65 15.58 30.52
CA GLY A 49 14.86 15.71 29.73
C GLY A 49 16.09 15.20 30.45
N VAL A 50 16.95 14.49 29.71
CA VAL A 50 18.20 14.01 30.26
C VAL A 50 19.38 14.80 29.66
N GLU A 51 20.18 15.39 30.54
CA GLU A 51 21.34 16.15 30.11
C GLU A 51 22.49 15.24 29.74
N ARG A 52 22.91 15.30 28.48
CA ARG A 52 24.09 14.57 28.03
C ARG A 52 25.19 15.56 27.65
N ASP A 53 26.20 15.63 28.50
CA ASP A 53 27.24 16.65 28.38
C ASP A 53 28.52 16.11 27.78
N ILE A 54 29.27 17.01 27.16
CA ILE A 54 30.63 16.71 26.74
C ILE A 54 31.47 17.98 26.87
N LEU A 55 32.65 17.83 27.48
CA LEU A 55 33.54 18.96 27.69
C LEU A 55 34.44 19.11 26.48
N TRP A 56 35.07 20.28 26.33
CA TRP A 56 35.91 20.56 25.18
C TRP A 56 37.05 19.54 25.06
N SER A 57 37.60 19.14 26.20
CA SER A 57 38.65 18.13 26.24
C SER A 57 38.15 16.81 25.67
N GLU A 58 37.04 16.34 26.21
CA GLU A 58 36.41 15.10 25.78
C GLU A 58 36.05 15.18 24.30
N PHE A 59 35.49 16.33 23.91
CA PHE A 59 35.02 16.56 22.55
C PHE A 59 36.16 16.47 21.53
N SER A 60 37.28 17.10 21.85
CA SER A 60 38.46 17.07 21.00
C SER A 60 38.99 15.65 20.82
N ALA A 61 39.00 14.88 21.91
CA ALA A 61 39.50 13.52 21.89
C ALA A 61 38.66 12.63 20.98
N ARG A 62 37.33 12.79 21.06
CA ARG A 62 36.42 12.04 20.21
C ARG A 62 36.62 12.42 18.75
N ASN A 63 36.75 13.72 18.49
CA ASN A 63 36.98 14.22 17.14
C ASN A 63 38.27 13.67 16.54
N ARG A 64 39.33 13.63 17.35
CA ARG A 64 40.62 13.12 16.91
C ARG A 64 40.61 11.59 16.76
N ALA A 65 39.81 10.91 17.57
CA ALA A 65 39.68 9.46 17.46
C ALA A 65 38.99 9.09 16.15
N VAL A 66 37.87 9.73 15.87
CA VAL A 66 37.12 9.47 14.64
C VAL A 66 37.92 9.94 13.42
N GLY A 67 38.58 11.09 13.56
CA GLY A 67 39.41 11.62 12.50
C GLY A 67 40.53 10.68 12.12
N ALA A 68 41.17 10.10 13.13
CA ALA A 68 42.27 9.17 12.91
C ALA A 68 41.79 7.90 12.22
N ARG A 69 40.61 7.43 12.63
CA ARG A 69 40.02 6.23 12.07
C ARG A 69 39.68 6.45 10.60
N LEU A 70 39.24 7.65 10.27
CA LEU A 70 38.91 8.00 8.89
C LEU A 70 40.16 8.11 8.04
N GLN A 71 41.24 8.61 8.65
CA GLN A 71 42.50 8.77 7.96
C GLN A 71 43.12 7.41 7.62
N GLN A 72 42.68 6.38 8.33
CA GLN A 72 43.25 5.05 8.15
C GLN A 72 42.47 4.24 7.10
N VAL A 73 41.19 4.52 6.93
CA VAL A 73 40.36 3.71 6.05
C VAL A 73 39.72 4.47 4.89
N THR A 74 39.97 5.76 4.80
CA THR A 74 39.43 6.54 3.68
C THR A 74 40.55 7.19 2.86
N GLN A 75 40.23 7.59 1.65
CA GLN A 75 41.18 8.28 0.79
C GLN A 75 40.99 9.79 0.91
N PRO A 76 42.08 10.55 0.75
CA PRO A 76 41.95 12.01 0.76
C PRO A 76 40.99 12.49 -0.32
N GLY A 77 40.09 13.40 0.02
CA GLY A 77 39.11 13.90 -0.93
C GLY A 77 37.83 13.10 -0.95
N ASP A 78 37.77 12.03 -0.15
CA ASP A 78 36.55 11.25 -0.03
C ASP A 78 35.46 12.06 0.65
N ARG A 79 34.21 11.74 0.32
CA ARG A 79 33.09 12.37 0.98
C ARG A 79 32.58 11.46 2.10
N ILE A 80 32.36 12.07 3.26
CA ILE A 80 31.97 11.33 4.44
C ILE A 80 30.54 11.69 4.82
N ALA A 81 29.59 10.83 4.46
CA ALA A 81 28.18 11.10 4.72
C ALA A 81 27.84 10.82 6.18
N ILE A 82 27.06 11.72 6.78
CA ILE A 82 26.67 11.58 8.17
C ILE A 82 25.19 11.23 8.28
N LEU A 83 24.91 9.94 8.36
CA LEU A 83 23.54 9.45 8.52
C LEU A 83 23.28 9.14 9.98
N CYS A 84 23.01 10.19 10.74
CA CYS A 84 22.98 10.13 12.20
C CYS A 84 21.82 10.95 12.76
N PRO A 85 21.20 10.48 13.85
CA PRO A 85 20.15 11.27 14.51
C PRO A 85 20.73 12.50 15.18
N GLN A 86 19.88 13.43 15.61
CA GLN A 86 20.37 14.63 16.28
C GLN A 86 20.81 14.32 17.70
N ASN A 87 22.13 14.28 17.90
CA ASN A 87 22.73 14.03 19.21
C ASN A 87 24.22 14.39 19.21
N LEU A 88 24.92 14.07 20.29
CA LEU A 88 26.33 14.42 20.40
C LEU A 88 27.19 13.74 19.35
N ASP A 89 26.83 12.51 18.98
CA ASP A 89 27.63 11.74 18.02
C ASP A 89 27.45 12.26 16.60
N TYR A 90 26.41 13.06 16.37
CA TYR A 90 26.25 13.73 15.09
C TYR A 90 27.35 14.77 14.94
N LEU A 91 27.58 15.55 15.99
CA LEU A 91 28.59 16.59 15.96
C LEU A 91 29.99 15.98 15.97
N ILE A 92 30.13 14.85 16.67
CA ILE A 92 31.40 14.12 16.66
C ILE A 92 31.65 13.54 15.27
N SER A 93 30.59 13.13 14.58
CA SER A 93 30.72 12.68 13.20
C SER A 93 31.14 13.82 12.28
N PHE A 94 30.45 14.96 12.40
CA PHE A 94 30.75 16.11 11.55
C PHE A 94 32.17 16.61 11.75
N PHE A 95 32.52 16.90 13.01
CA PHE A 95 33.86 17.38 13.34
C PHE A 95 34.92 16.33 13.04
N GLY A 96 34.60 15.07 13.37
CA GLY A 96 35.50 13.97 13.09
C GLY A 96 35.88 13.91 11.62
N ALA A 97 34.89 14.14 10.76
CA ALA A 97 35.12 14.20 9.31
C ALA A 97 36.04 15.37 8.95
N LEU A 98 35.80 16.53 9.55
CA LEU A 98 36.63 17.70 9.33
C LEU A 98 38.05 17.47 9.81
N TYR A 99 38.18 16.89 11.00
CA TYR A 99 39.48 16.57 11.58
C TYR A 99 40.29 15.67 10.66
N SER A 100 39.61 14.77 9.97
CA SER A 100 40.28 13.81 9.09
C SER A 100 40.85 14.49 7.84
N GLY A 101 40.30 15.65 7.50
CA GLY A 101 40.74 16.37 6.32
C GLY A 101 39.91 15.98 5.09
N ARG A 102 38.93 15.12 5.30
CA ARG A 102 38.05 14.69 4.22
C ARG A 102 36.85 15.64 4.12
N ILE A 103 35.96 15.39 3.16
CA ILE A 103 34.79 16.24 2.96
C ILE A 103 33.56 15.68 3.67
N ALA A 104 33.08 16.41 4.67
CA ALA A 104 31.91 16.00 5.43
C ALA A 104 30.62 16.24 4.65
N VAL A 105 29.60 15.41 4.89
CA VAL A 105 28.29 15.64 4.28
C VAL A 105 27.19 15.38 5.31
N PRO A 106 26.84 16.41 6.09
CA PRO A 106 25.82 16.28 7.14
C PRO A 106 24.44 15.96 6.59
N LEU A 107 23.91 14.80 6.93
CA LEU A 107 22.59 14.39 6.48
C LEU A 107 21.74 13.93 7.67
N PHE A 108 20.96 12.87 7.46
CA PHE A 108 20.03 12.42 8.49
C PHE A 108 19.88 10.89 8.53
N ASP A 109 19.15 10.42 9.54
CA ASP A 109 18.91 8.99 9.75
C ASP A 109 17.87 8.46 8.76
N PRO A 110 18.21 7.38 8.03
CA PRO A 110 17.27 6.78 7.07
C PRO A 110 16.00 6.25 7.74
N ALA A 111 16.11 5.90 9.02
CA ALA A 111 14.99 5.35 9.77
C ALA A 111 13.99 6.41 10.21
N GLU A 112 14.25 7.66 9.84
CA GLU A 112 13.38 8.76 10.23
C GLU A 112 12.82 9.50 9.01
N HIS A 115 12.68 11.63 4.44
CA HIS A 115 12.55 10.91 3.17
C HIS A 115 13.66 9.82 3.09
N VAL A 116 13.35 8.57 2.72
CA VAL A 116 14.49 7.70 2.50
C VAL A 116 15.08 7.93 1.08
N GLY A 117 14.24 8.23 0.08
CA GLY A 117 14.67 8.46 -1.29
C GLY A 117 15.55 9.68 -1.55
N ARG A 118 15.23 10.76 -0.84
CA ARG A 118 15.97 12.01 -0.91
C ARG A 118 17.37 11.67 -0.52
N LEU A 119 17.48 10.84 0.51
CA LEU A 119 18.77 10.38 1.00
C LEU A 119 19.50 9.56 -0.07
N HIS A 120 18.74 8.79 -0.86
CA HIS A 120 19.32 8.04 -1.97
C HIS A 120 19.86 8.97 -3.05
N ALA A 121 19.12 10.03 -3.33
CA ALA A 121 19.48 10.98 -4.38
C ALA A 121 20.78 11.70 -4.06
N VAL A 122 20.93 12.11 -2.80
CA VAL A 122 22.14 12.80 -2.36
C VAL A 122 23.34 11.86 -2.43
N LEU A 123 23.14 10.62 -2.00
CA LEU A 123 24.18 9.60 -2.07
C LEU A 123 24.58 9.33 -3.52
N ASP A 124 23.62 9.36 -4.43
CA ASP A 124 23.91 9.23 -5.84
C ASP A 124 24.73 10.42 -6.31
N ASP A 125 24.45 11.58 -5.73
CA ASP A 125 25.05 12.84 -6.19
C ASP A 125 26.50 13.01 -5.76
N CYS A 126 26.82 12.64 -4.52
CA CYS A 126 28.16 12.86 -4.02
C CYS A 126 28.93 11.56 -3.76
N THR A 127 28.28 10.42 -3.98
CA THR A 127 28.93 9.10 -3.85
C THR A 127 29.95 8.99 -2.71
N PRO A 128 29.47 9.06 -1.46
CA PRO A 128 30.39 8.95 -0.31
C PRO A 128 31.03 7.57 -0.21
N SER A 129 32.29 7.52 0.23
CA SER A 129 32.96 6.26 0.46
C SER A 129 32.62 5.68 1.82
N THR A 130 32.30 6.58 2.76
CA THR A 130 32.09 6.20 4.15
C THR A 130 30.85 6.88 4.73
N ILE A 131 30.14 6.16 5.59
CA ILE A 131 29.00 6.73 6.30
C ILE A 131 29.20 6.66 7.81
N LEU A 132 29.02 7.81 8.45
CA LEU A 132 29.14 7.89 9.90
C LEU A 132 27.79 7.86 10.56
N THR A 133 27.63 7.00 11.56
CA THR A 133 26.39 6.89 12.30
C THR A 133 26.69 6.43 13.72
N THR A 134 25.66 6.05 14.45
CA THR A 134 25.84 5.51 15.80
C THR A 134 25.58 4.00 15.81
N THR A 135 26.00 3.35 16.90
CA THR A 135 25.77 1.92 17.06
C THR A 135 24.28 1.56 16.97
N ASP A 136 23.44 2.34 17.64
N ASP A 136 23.45 2.33 17.65
CA ASP A 136 22.00 2.07 17.69
CA ASP A 136 22.00 2.09 17.69
C ASP A 136 21.32 2.32 16.34
C ASP A 136 21.39 2.24 16.30
N SER A 137 21.89 3.21 15.54
CA SER A 137 21.33 3.51 14.22
C SER A 137 22.05 2.75 13.11
N ALA A 138 23.09 2.00 13.48
CA ALA A 138 23.95 1.33 12.51
C ALA A 138 23.23 0.31 11.64
N GLU A 139 22.40 -0.53 12.25
CA GLU A 139 21.72 -1.59 11.51
C GLU A 139 20.71 -1.00 10.52
N GLY A 140 20.06 0.08 10.92
CA GLY A 140 19.11 0.75 10.04
C GLY A 140 19.78 1.37 8.84
N VAL A 141 20.98 1.89 9.06
CA VAL A 141 21.76 2.49 7.96
C VAL A 141 22.23 1.40 7.01
N ARG A 142 22.67 0.27 7.57
CA ARG A 142 23.07 -0.87 6.75
C ARG A 142 21.90 -1.38 5.93
N LYS A 143 20.72 -1.37 6.54
CA LYS A 143 19.52 -1.82 5.86
C LYS A 143 19.22 -0.91 4.67
N PHE A 144 19.42 0.39 4.87
CA PHE A 144 19.24 1.39 3.82
C PHE A 144 20.23 1.24 2.67
N ILE A 145 21.48 0.93 3.01
CA ILE A 145 22.56 0.82 2.05
C ILE A 145 22.51 -0.42 1.15
N ARG A 146 22.06 -1.55 1.68
CA ARG A 146 22.08 -2.78 0.88
C ARG A 146 20.99 -2.73 -0.20
N SER A 147 20.07 -1.78 -0.07
CA SER A 147 19.07 -1.53 -1.10
C SER A 147 19.68 -0.72 -2.25
N ARG A 148 20.94 -0.33 -2.07
CA ARG A 148 21.70 0.35 -3.11
C ARG A 148 22.57 -0.69 -3.83
N SER A 149 23.06 -0.31 -5.00
CA SER A 149 23.88 -1.19 -5.83
C SER A 149 25.14 -1.67 -5.11
N ALA A 150 25.79 -2.66 -5.69
CA ALA A 150 26.98 -3.26 -5.11
C ALA A 150 28.22 -2.44 -5.47
N LYS A 151 28.06 -1.53 -6.45
CA LYS A 151 29.10 -0.60 -6.90
C LYS A 151 30.02 -0.17 -5.78
N GLU A 152 29.40 0.18 -4.65
CA GLU A 152 30.09 0.50 -3.43
C GLU A 152 29.03 0.65 -2.36
N ARG A 153 29.06 -0.23 -1.37
CA ARG A 153 28.14 -0.08 -0.29
C ARG A 153 29.05 0.62 0.69
N PRO A 154 28.86 1.94 0.83
CA PRO A 154 29.85 2.73 1.56
C PRO A 154 30.00 2.16 2.94
N ARG A 155 31.23 2.11 3.43
CA ARG A 155 31.46 1.44 4.70
C ARG A 155 30.74 2.23 5.78
N VAL A 156 30.30 1.51 6.80
CA VAL A 156 29.56 2.14 7.88
C VAL A 156 30.43 2.14 9.13
N ILE A 157 30.53 3.30 9.75
CA ILE A 157 31.30 3.42 10.98
C ILE A 157 30.42 4.00 12.08
N ALA A 158 30.26 3.23 13.15
CA ALA A 158 29.60 3.73 14.35
C ALA A 158 30.65 4.49 15.16
N VAL A 159 30.53 5.81 15.15
CA VAL A 159 31.57 6.66 15.73
C VAL A 159 31.71 6.44 17.23
N ASP A 160 30.60 6.14 17.90
CA ASP A 160 30.63 5.89 19.34
C ASP A 160 31.35 4.59 19.66
N ALA A 161 31.57 3.75 18.65
CA ALA A 161 32.27 2.49 18.84
C ALA A 161 33.77 2.64 18.61
N VAL A 162 34.18 3.78 18.06
CA VAL A 162 35.60 4.08 17.87
C VAL A 162 36.23 4.48 19.20
N PRO A 163 37.20 3.70 19.68
CA PRO A 163 37.86 3.96 20.97
C PRO A 163 38.56 5.31 20.99
N THR A 164 38.47 6.02 22.11
CA THR A 164 39.10 7.32 22.27
C THR A 164 40.62 7.26 22.11
N GLU A 165 41.20 6.11 22.45
CA GLU A 165 42.65 5.93 22.36
C GLU A 165 43.17 6.11 20.93
N VAL A 166 42.32 5.82 19.95
CA VAL A 166 42.67 5.93 18.54
C VAL A 166 43.13 7.35 18.18
N ALA A 167 42.68 8.33 18.96
CA ALA A 167 43.04 9.73 18.75
C ALA A 167 44.54 9.98 18.73
N SER A 168 45.30 9.09 19.36
CA SER A 168 46.75 9.21 19.42
C SER A 168 47.38 9.16 18.03
N THR A 169 46.71 8.48 17.11
CA THR A 169 47.22 8.32 15.75
C THR A 169 46.72 9.41 14.80
N TRP A 170 46.01 10.39 15.34
CA TRP A 170 45.46 11.48 14.51
C TRP A 170 46.55 12.36 13.93
N GLN A 171 46.36 12.74 12.67
CA GLN A 171 47.29 13.65 11.98
C GLN A 171 46.56 14.92 11.58
N GLN A 172 47.04 16.05 12.08
CA GLN A 172 46.45 17.35 11.74
C GLN A 172 46.56 17.62 10.25
N PRO A 173 45.42 17.83 9.58
CA PRO A 173 45.36 18.10 8.14
C PRO A 173 45.60 19.58 7.82
N ASN A 176 43.88 23.05 3.90
CA ASN A 176 43.93 24.29 3.13
C ASN A 176 42.61 25.06 3.16
N GLU A 177 42.70 26.37 3.25
CA GLU A 177 41.53 27.25 3.35
C GLU A 177 40.56 27.14 2.17
N LEU A 178 41.09 27.06 0.96
CA LEU A 178 40.26 27.11 -0.24
C LEU A 178 39.65 25.78 -0.67
N THR A 179 40.01 24.69 0.02
CA THR A 179 39.44 23.38 -0.29
C THR A 179 38.11 23.19 0.43
N THR A 180 37.25 22.37 -0.14
CA THR A 180 35.92 22.14 0.42
C THR A 180 36.00 21.44 1.77
N ALA A 181 35.39 22.05 2.78
CA ALA A 181 35.33 21.46 4.11
C ALA A 181 34.19 20.47 4.21
N TYR A 182 33.04 20.85 3.65
CA TYR A 182 31.87 19.97 3.64
C TYR A 182 30.86 20.38 2.57
N LEU A 183 29.90 19.50 2.30
CA LEU A 183 28.84 19.77 1.34
C LEU A 183 27.52 20.05 2.05
N GLN A 184 26.93 21.20 1.78
CA GLN A 184 25.65 21.56 2.38
C GLN A 184 24.52 21.35 1.38
N TYR A 185 23.83 20.21 1.49
CA TYR A 185 22.70 19.92 0.64
C TYR A 185 21.45 20.62 1.15
N THR A 186 20.68 21.19 0.23
CA THR A 186 19.47 21.92 0.59
C THR A 186 18.23 21.07 0.41
N VAL A 192 16.45 17.27 -8.62
CA VAL A 192 17.82 16.87 -8.32
C VAL A 192 18.39 17.71 -7.17
N PRO A 193 19.09 17.04 -6.24
CA PRO A 193 19.67 17.68 -5.05
C PRO A 193 20.95 18.45 -5.33
N SER A 194 21.11 19.61 -4.72
CA SER A 194 22.30 20.44 -4.90
C SER A 194 23.13 20.55 -3.62
N GLY A 195 24.42 20.27 -3.73
CA GLY A 195 25.30 20.35 -2.59
C GLY A 195 26.27 21.51 -2.67
N VAL A 196 26.04 22.51 -1.83
CA VAL A 196 26.91 23.68 -1.81
C VAL A 196 28.28 23.34 -1.24
N GLN A 197 29.33 23.70 -1.96
CA GLN A 197 30.68 23.45 -1.50
C GLN A 197 31.14 24.54 -0.54
N ILE A 198 31.15 24.21 0.75
CA ILE A 198 31.61 25.15 1.77
C ILE A 198 33.06 24.86 2.12
N THR A 199 33.90 25.88 2.01
CA THR A 199 35.34 25.70 2.22
C THR A 199 35.75 25.84 3.68
N HIS A 200 37.02 25.53 3.94
CA HIS A 200 37.57 25.65 5.28
C HIS A 200 37.78 27.10 5.69
N LEU A 201 37.67 28.02 4.75
CA LEU A 201 37.69 29.44 5.08
C LEU A 201 36.27 29.94 5.32
N ASN A 202 35.33 29.49 4.49
CA ASN A 202 33.92 29.85 4.64
C ASN A 202 33.39 29.67 6.06
N LEU A 203 33.74 28.54 6.65
CA LEU A 203 33.12 28.12 7.90
C LEU A 203 33.51 29.04 9.08
N PRO A 204 34.83 29.18 9.38
CA PRO A 204 35.16 30.10 10.49
C PRO A 204 34.84 31.56 10.18
N THR A 205 34.86 31.93 8.90
CA THR A 205 34.52 33.29 8.49
C THR A 205 33.09 33.64 8.86
N ASN A 206 32.14 32.80 8.46
CA ASN A 206 30.74 33.10 8.66
C ASN A 206 30.29 33.07 10.12
N VAL A 207 30.83 32.12 10.90
CA VAL A 207 30.47 32.06 12.31
C VAL A 207 31.00 33.28 13.06
N LEU A 208 32.14 33.81 12.61
CA LEU A 208 32.69 35.02 13.20
C LEU A 208 31.82 36.22 12.85
N GLN A 209 31.30 36.22 11.63
CA GLN A 209 30.41 37.26 11.18
C GLN A 209 29.15 37.28 12.05
N VAL A 210 28.69 36.09 12.41
CA VAL A 210 27.55 35.93 13.31
C VAL A 210 27.90 36.48 14.69
N LEU A 211 29.05 36.06 15.22
CA LEU A 211 29.48 36.45 16.55
C LEU A 211 29.63 37.95 16.64
N ASN A 212 30.11 38.55 15.56
CA ASN A 212 30.32 39.97 15.50
C ASN A 212 29.01 40.75 15.50
N ALA A 213 28.01 40.23 14.77
CA ALA A 213 26.71 40.89 14.71
C ALA A 213 25.93 40.71 16.00
N LEU A 214 26.17 39.61 16.70
CA LEU A 214 25.48 39.33 17.96
C LEU A 214 26.12 40.06 19.14
N GLU A 215 27.37 40.45 18.95
CA GLU A 215 28.18 41.04 20.03
C GLU A 215 28.21 40.11 21.25
N GLY A 216 28.44 38.82 20.99
CA GLY A 216 28.49 37.82 22.02
C GLY A 216 29.58 38.04 23.05
N GLN A 217 29.20 38.05 24.32
CA GLN A 217 30.16 38.21 25.41
C GLN A 217 30.65 36.84 25.88
N GLU A 218 31.56 36.84 26.86
CA GLU A 218 32.19 35.62 27.33
C GLU A 218 31.22 34.71 28.09
N GLY A 219 30.37 35.32 28.93
CA GLY A 219 29.47 34.55 29.76
C GLY A 219 28.17 34.14 29.09
N ASP A 220 28.05 34.42 27.80
CA ASP A 220 26.84 34.09 27.06
C ASP A 220 26.81 32.62 26.68
N ARG A 221 25.64 32.12 26.30
CA ARG A 221 25.48 30.74 25.87
C ARG A 221 24.43 30.62 24.78
N GLY A 222 24.42 29.49 24.08
CA GLY A 222 23.50 29.31 22.96
C GLY A 222 22.52 28.18 23.16
N VAL A 223 21.35 28.31 22.53
CA VAL A 223 20.31 27.28 22.58
C VAL A 223 19.74 27.03 21.19
N SER A 224 19.53 25.77 20.84
CA SER A 224 19.01 25.44 19.52
C SER A 224 18.21 24.15 19.49
N TRP A 225 17.27 24.05 18.56
CA TRP A 225 16.55 22.81 18.29
C TRP A 225 16.60 22.48 16.82
N LEU A 226 17.16 23.41 16.04
CA LEU A 226 17.23 23.27 14.59
C LEU A 226 18.00 22.03 14.16
N PRO A 227 17.52 21.35 13.12
CA PRO A 227 18.16 20.11 12.63
C PRO A 227 19.55 20.38 12.06
N PHE A 228 20.50 19.54 12.43
CA PHE A 228 21.89 19.71 12.02
C PHE A 228 22.09 19.54 10.50
N PHE A 229 21.18 18.85 9.83
CA PHE A 229 21.30 18.65 8.40
C PHE A 229 20.82 19.87 7.62
N HIS A 230 20.34 20.87 8.35
CA HIS A 230 19.95 22.14 7.76
C HIS A 230 21.03 23.17 8.06
N ASP A 231 21.28 24.08 7.12
CA ASP A 231 22.38 25.04 7.26
C ASP A 231 22.20 25.92 8.50
N MET A 232 20.96 26.33 8.78
CA MET A 232 20.72 27.16 9.95
C MET A 232 20.97 26.38 11.24
N GLY A 233 20.70 25.08 11.19
CA GLY A 233 20.91 24.22 12.35
C GLY A 233 22.36 23.91 12.60
N LEU A 234 23.12 23.69 11.52
CA LEU A 234 24.53 23.35 11.62
C LEU A 234 25.34 24.54 12.12
N ILE A 235 25.22 25.66 11.43
CA ILE A 235 26.04 26.83 11.73
C ILE A 235 25.72 27.42 13.10
N THR A 236 24.46 27.35 13.49
CA THR A 236 24.07 27.84 14.81
C THR A 236 24.86 27.16 15.92
N VAL A 237 24.91 25.82 15.90
CA VAL A 237 25.67 25.10 16.92
C VAL A 237 27.18 25.16 16.68
N LEU A 238 27.60 25.35 15.44
CA LEU A 238 29.03 25.50 15.17
C LEU A 238 29.54 26.84 15.70
N LEU A 239 28.63 27.76 15.98
CA LEU A 239 28.97 29.05 16.56
C LEU A 239 29.75 28.91 17.87
N ALA A 240 29.59 27.76 18.53
CA ALA A 240 30.26 27.48 19.78
C ALA A 240 31.79 27.51 19.65
N SER A 241 32.28 27.25 18.46
CA SER A 241 33.73 27.09 18.24
C SER A 241 34.46 28.44 18.13
N VAL A 242 33.70 29.52 18.00
CA VAL A 242 34.31 30.84 17.81
C VAL A 242 34.89 31.40 19.11
N LEU A 243 34.08 31.39 20.16
CA LEU A 243 34.51 31.97 21.43
C LEU A 243 34.47 30.96 22.56
N GLY A 244 34.22 29.70 22.21
CA GLY A 244 34.22 28.62 23.18
C GLY A 244 32.98 28.63 24.06
N HIS A 245 31.90 29.20 23.53
CA HIS A 245 30.62 29.20 24.23
C HIS A 245 30.03 27.80 24.25
N SER A 246 29.33 27.47 25.32
CA SER A 246 28.57 26.24 25.33
C SER A 246 27.31 26.43 24.50
N PHE A 247 26.80 25.34 23.95
CA PHE A 247 25.52 25.36 23.26
C PHE A 247 24.71 24.15 23.69
N THR A 248 23.46 24.40 24.05
CA THR A 248 22.58 23.34 24.50
C THR A 248 21.53 23.11 23.43
N PHE A 249 21.42 21.87 22.97
CA PHE A 249 20.48 21.57 21.90
C PHE A 249 19.57 20.40 22.21
N MET A 250 18.46 20.35 21.47
CA MET A 250 17.50 19.26 21.55
C MET A 250 17.17 18.85 20.12
N THR A 251 16.31 17.85 19.96
CA THR A 251 15.89 17.44 18.62
C THR A 251 14.75 18.32 18.13
N PRO A 252 14.61 18.48 16.80
CA PRO A 252 13.46 19.18 16.24
C PRO A 252 12.13 18.60 16.72
N ALA A 253 12.06 17.27 16.79
CA ALA A 253 10.85 16.58 17.23
C ALA A 253 10.45 16.98 18.64
N ALA A 254 11.44 17.14 19.51
CA ALA A 254 11.18 17.53 20.89
C ALA A 254 10.56 18.92 20.94
N PHE A 255 11.04 19.82 20.10
CA PHE A 255 10.50 21.17 20.05
C PHE A 255 9.07 21.20 19.49
N VAL A 256 8.82 20.43 18.44
CA VAL A 256 7.50 20.45 17.81
C VAL A 256 6.43 19.94 18.78
N ARG A 257 6.75 18.91 19.54
CA ARG A 257 5.80 18.35 20.47
C ARG A 257 5.65 19.22 21.73
N ARG A 258 6.76 19.80 22.19
CA ARG A 258 6.74 20.67 23.36
C ARG A 258 7.59 21.92 23.16
N PRO A 259 7.02 22.95 22.51
CA PRO A 259 7.74 24.17 22.16
C PRO A 259 8.27 24.94 23.37
N GLY A 260 7.62 24.75 24.52
CA GLY A 260 8.04 25.39 25.76
C GLY A 260 9.42 24.97 26.22
N ARG A 261 9.85 23.80 25.79
CA ARG A 261 11.20 23.31 26.08
C ARG A 261 12.25 24.28 25.59
N TRP A 262 12.01 24.80 24.39
CA TRP A 262 12.89 25.79 23.79
C TRP A 262 12.93 27.04 24.65
N ILE A 263 11.74 27.51 25.04
CA ILE A 263 11.61 28.69 25.88
C ILE A 263 12.25 28.46 27.24
N ARG A 264 12.04 27.27 27.79
CA ARG A 264 12.58 26.93 29.10
C ARG A 264 14.10 26.97 29.09
N GLU A 265 14.70 26.37 28.08
CA GLU A 265 16.15 26.31 27.97
C GLU A 265 16.75 27.69 27.70
N LEU A 266 15.96 28.57 27.08
CA LEU A 266 16.40 29.95 26.84
C LEU A 266 16.38 30.77 28.14
N ALA A 267 15.49 30.40 29.05
CA ALA A 267 15.28 31.19 30.26
C ALA A 267 16.49 31.17 31.17
N ARG A 268 16.59 32.20 32.01
CA ARG A 268 17.69 32.33 32.96
C ARG A 268 17.65 31.22 34.01
N LYS A 269 18.75 30.47 34.10
CA LYS A 269 18.90 29.47 35.14
C LYS A 269 19.37 30.16 36.41
N PRO A 270 19.26 29.50 37.58
CA PRO A 270 19.72 30.14 38.81
C PRO A 270 21.21 30.51 38.77
N GLY A 271 21.51 31.77 39.09
CA GLY A 271 22.88 32.24 39.11
C GLY A 271 23.38 32.77 37.78
N GLU A 272 22.63 32.52 36.72
CA GLU A 272 23.04 32.93 35.37
C GLU A 272 22.98 34.45 35.20
N THR A 273 24.10 35.04 34.82
CA THR A 273 24.18 36.48 34.64
C THR A 273 24.42 36.82 33.17
N GLY A 274 24.80 35.82 32.38
CA GLY A 274 25.05 36.01 30.97
C GLY A 274 23.76 35.91 30.15
N GLY A 275 23.89 36.11 28.84
CA GLY A 275 22.73 36.08 27.96
C GLY A 275 22.66 34.86 27.05
N THR A 276 21.49 34.62 26.48
CA THR A 276 21.29 33.48 25.59
C THR A 276 21.02 33.91 24.16
N PHE A 277 21.46 33.07 23.22
CA PHE A 277 21.21 33.30 21.81
C PHE A 277 20.59 32.06 21.15
N SER A 278 19.72 32.30 20.19
CA SER A 278 19.10 31.21 19.44
C SER A 278 18.66 31.67 18.05
N ALA A 279 18.17 30.73 17.26
CA ALA A 279 17.67 31.04 15.91
C ALA A 279 16.50 30.13 15.60
N ALA A 280 15.63 30.58 14.71
CA ALA A 280 14.47 29.79 14.33
C ALA A 280 13.81 30.32 13.06
N PRO A 281 13.13 29.44 12.32
CA PRO A 281 12.29 29.85 11.20
C PRO A 281 10.99 30.48 11.71
N ASN A 282 10.35 31.28 10.85
CA ASN A 282 9.14 32.01 11.21
C ASN A 282 8.04 31.16 11.83
N PHE A 283 7.84 29.95 11.30
CA PHE A 283 6.71 29.13 11.73
C PHE A 283 6.86 28.70 13.20
N ALA A 284 8.09 28.70 13.69
CA ALA A 284 8.39 28.30 15.06
C ALA A 284 7.97 29.37 16.04
N PHE A 285 8.02 30.63 15.61
CA PHE A 285 7.56 31.74 16.43
C PHE A 285 6.05 31.66 16.59
N GLU A 286 5.37 31.24 15.54
CA GLU A 286 3.94 31.00 15.58
C GLU A 286 3.61 29.84 16.51
N HIS A 287 4.44 28.80 16.44
CA HIS A 287 4.22 27.58 17.21
C HIS A 287 4.46 27.81 18.71
N ALA A 288 5.58 28.44 19.03
CA ALA A 288 5.95 28.73 20.42
C ALA A 288 5.03 29.76 21.08
N ALA A 289 4.51 30.69 20.28
CA ALA A 289 3.61 31.70 20.80
C ALA A 289 2.30 31.06 21.26
N MET A 290 1.85 30.05 20.52
CA MET A 290 0.58 29.41 20.79
C MET A 290 0.66 28.29 21.82
N ARG A 291 1.80 27.58 21.85
CA ARG A 291 1.90 26.37 22.66
C ARG A 291 3.11 26.34 23.58
N GLY A 292 3.90 27.43 23.58
CA GLY A 292 5.13 27.45 24.35
C GLY A 292 5.04 28.23 25.65
N VAL A 293 3.89 28.83 25.91
CA VAL A 293 3.67 29.55 27.15
C VAL A 293 3.55 28.55 28.29
N PRO A 294 4.30 28.79 29.40
CA PRO A 294 4.27 27.84 30.50
C PRO A 294 2.91 27.79 31.20
N ARG A 295 2.54 26.60 31.65
CA ARG A 295 1.31 26.42 32.41
C ARG A 295 1.49 27.02 33.80
N ASP A 296 0.37 27.32 34.45
CA ASP A 296 0.40 28.00 35.75
C ASP A 296 1.04 27.14 36.84
N ASP A 297 1.08 25.83 36.64
CA ASP A 297 1.66 24.94 37.64
C ASP A 297 3.15 24.71 37.39
N GLU A 298 3.69 25.43 36.42
CA GLU A 298 5.12 25.34 36.13
C GLU A 298 5.91 26.37 36.93
N PRO A 299 7.22 26.14 37.11
CA PRO A 299 8.06 27.07 37.87
C PRO A 299 8.19 28.42 37.17
N PRO A 300 8.60 29.47 37.91
CA PRO A 300 8.79 30.82 37.33
C PRO A 300 9.72 30.82 36.12
N LEU A 301 9.39 31.63 35.13
CA LEU A 301 10.15 31.70 33.88
C LEU A 301 10.70 33.12 33.66
N ASP A 302 12.02 33.23 33.58
CA ASP A 302 12.68 34.52 33.44
C ASP A 302 13.43 34.62 32.11
N LEU A 303 12.87 35.36 31.16
CA LEU A 303 13.46 35.49 29.84
C LEU A 303 14.21 36.81 29.66
N SER A 304 14.47 37.50 30.77
CA SER A 304 15.17 38.79 30.72
C SER A 304 16.63 38.62 30.33
N ASN A 305 17.09 37.38 30.29
CA ASN A 305 18.48 37.08 29.92
C ASN A 305 18.65 36.93 28.43
N VAL A 306 17.54 36.65 27.72
CA VAL A 306 17.59 36.42 26.29
C VAL A 306 18.03 37.67 25.52
N LYS A 307 19.15 37.55 24.81
CA LYS A 307 19.71 38.68 24.07
C LYS A 307 19.22 38.72 22.63
N GLY A 308 19.24 37.57 21.97
CA GLY A 308 18.87 37.52 20.57
C GLY A 308 18.32 36.18 20.12
N ILE A 309 17.12 36.21 19.54
CA ILE A 309 16.56 35.04 18.87
C ILE A 309 16.39 35.39 17.40
N LEU A 310 17.27 34.86 16.56
CA LEU A 310 17.27 35.24 15.16
C LEU A 310 16.14 34.55 14.40
N ASN A 311 15.45 35.33 13.59
CA ASN A 311 14.26 34.88 12.87
C ASN A 311 14.53 34.97 11.36
N GLY A 312 14.74 33.82 10.72
CA GLY A 312 15.07 33.79 9.30
C GLY A 312 14.79 32.46 8.64
N SER A 313 15.16 32.38 7.35
CA SER A 313 15.00 31.20 6.47
C SER A 313 13.66 31.21 5.75
N GLU A 314 12.74 32.05 6.20
CA GLU A 314 11.47 32.23 5.49
C GLU A 314 10.94 33.65 5.74
N PRO A 315 9.98 34.11 4.93
CA PRO A 315 9.40 35.44 5.16
C PRO A 315 8.91 35.62 6.59
N VAL A 316 9.30 36.71 7.21
CA VAL A 316 8.93 36.98 8.59
C VAL A 316 7.54 37.58 8.69
N SER A 317 6.66 36.92 9.45
CA SER A 317 5.32 37.41 9.69
C SER A 317 5.30 38.40 10.84
N PRO A 318 4.84 39.63 10.58
CA PRO A 318 4.68 40.62 11.64
C PRO A 318 3.72 40.16 12.71
N ALA A 319 2.71 39.38 12.31
CA ALA A 319 1.70 38.88 13.24
C ALA A 319 2.30 37.84 14.20
N SER A 320 3.02 36.87 13.65
CA SER A 320 3.66 35.85 14.49
C SER A 320 4.73 36.49 15.38
N MET A 321 5.34 37.56 14.88
CA MET A 321 6.35 38.28 15.65
C MET A 321 5.71 39.01 16.83
N ARG A 322 4.58 39.65 16.57
CA ARG A 322 3.85 40.38 17.60
C ARG A 322 3.32 39.42 18.66
N LYS A 323 2.70 38.33 18.20
CA LYS A 323 2.16 37.31 19.09
C LYS A 323 3.24 36.70 19.97
N PHE A 324 4.39 36.43 19.38
CA PHE A 324 5.51 35.83 20.11
C PHE A 324 6.00 36.77 21.20
N PHE A 325 6.25 38.04 20.84
CA PHE A 325 6.72 38.99 21.84
C PHE A 325 5.69 39.24 22.94
N LYS A 326 4.43 39.38 22.56
CA LYS A 326 3.37 39.63 23.53
C LYS A 326 3.22 38.47 24.51
N ALA A 327 3.41 37.25 24.02
CA ALA A 327 3.23 36.05 24.82
C ALA A 327 4.31 35.91 25.89
N PHE A 328 5.54 36.32 25.57
CA PHE A 328 6.66 36.08 26.46
C PHE A 328 7.20 37.37 27.08
N GLU A 329 6.62 38.50 26.70
CA GLU A 329 6.88 39.76 27.38
C GLU A 329 6.63 39.71 28.91
N PRO A 330 5.50 39.11 29.35
CA PRO A 330 5.28 39.05 30.80
C PRO A 330 6.33 38.23 31.57
N TYR A 331 7.18 37.51 30.84
CA TYR A 331 8.22 36.70 31.48
C TYR A 331 9.59 37.35 31.32
N GLY A 332 9.60 38.60 30.86
CA GLY A 332 10.82 39.39 30.81
C GLY A 332 11.50 39.49 29.46
N LEU A 333 10.89 38.92 28.43
CA LEU A 333 11.45 39.01 27.09
C LEU A 333 11.44 40.46 26.61
N ARG A 334 12.60 40.96 26.22
CA ARG A 334 12.72 42.34 25.74
C ARG A 334 12.26 42.42 24.29
N GLU A 335 11.74 43.58 23.90
CA GLU A 335 11.28 43.78 22.52
C GLU A 335 12.46 43.79 21.55
N THR A 336 13.66 43.89 22.11
CA THR A 336 14.88 43.88 21.32
C THR A 336 15.53 42.49 21.31
N ALA A 337 14.71 41.45 21.46
CA ALA A 337 15.22 40.08 21.51
C ALA A 337 15.09 39.36 20.17
N VAL A 338 13.92 39.49 19.56
CA VAL A 338 13.67 38.82 18.28
C VAL A 338 14.33 39.60 17.15
N LYS A 339 15.13 38.90 16.35
CA LYS A 339 15.94 39.53 15.30
C LYS A 339 15.68 38.96 13.92
N PRO A 340 14.85 39.65 13.11
CA PRO A 340 14.68 39.24 11.72
C PRO A 340 16.04 39.20 10.99
N SER A 341 16.29 38.13 10.26
CA SER A 341 17.59 37.90 9.63
C SER A 341 17.45 37.29 8.24
N TYR A 342 18.45 37.51 7.40
CA TYR A 342 18.48 36.90 6.07
C TYR A 342 19.75 36.10 5.84
N GLY A 343 19.63 35.04 5.05
CA GLY A 343 20.77 34.21 4.71
C GLY A 343 20.39 33.05 3.82
N LEU A 344 21.39 32.27 3.40
CA LEU A 344 21.16 31.10 2.58
C LEU A 344 22.41 30.22 2.54
N ALA A 345 22.26 29.01 2.02
CA ALA A 345 23.35 28.02 2.06
C ALA A 345 24.56 28.46 1.23
N GLU A 346 24.31 29.15 0.12
CA GLU A 346 25.40 29.61 -0.74
C GLU A 346 26.38 30.55 -0.02
N ALA A 347 25.89 31.22 1.02
CA ALA A 347 26.72 32.11 1.82
C ALA A 347 27.10 31.47 3.15
N THR A 348 27.21 30.15 3.14
CA THR A 348 27.38 29.32 4.34
C THR A 348 26.13 29.39 5.20
N LEU A 349 25.83 30.56 5.74
CA LEU A 349 24.53 30.79 6.37
C LEU A 349 24.16 32.26 6.47
N PHE A 350 24.89 32.99 7.31
CA PHE A 350 24.48 34.34 7.71
C PHE A 350 24.90 35.45 6.75
N VAL A 351 23.93 36.29 6.39
CA VAL A 351 24.19 37.44 5.53
C VAL A 351 23.87 38.76 6.26
N SER A 352 22.71 38.83 6.90
CA SER A 352 22.30 40.04 7.60
C SER A 352 21.38 39.74 8.79
N THR A 353 21.35 40.66 9.75
CA THR A 353 20.41 40.56 10.85
C THR A 353 20.08 41.94 11.42
N THR A 354 19.01 42.02 12.19
CA THR A 354 18.62 43.25 12.86
C THR A 354 19.65 43.57 13.94
N PRO A 355 20.07 44.85 14.02
CA PRO A 355 21.01 45.28 15.06
C PRO A 355 20.51 44.93 16.46
N MET A 356 21.43 44.62 17.37
CA MET A 356 21.05 44.07 18.66
C MET A 356 20.30 45.07 19.54
N ASP A 357 20.63 46.35 19.43
CA ASP A 357 20.02 47.36 20.29
C ASP A 357 18.74 47.92 19.69
N GLU A 358 18.29 47.35 18.58
CA GLU A 358 17.10 47.84 17.88
C GLU A 358 15.96 46.86 17.93
N VAL A 359 14.73 47.36 17.91
CA VAL A 359 13.55 46.51 17.75
C VAL A 359 13.38 46.26 16.25
N PRO A 360 12.63 45.19 15.87
CA PRO A 360 12.46 44.92 14.45
C PRO A 360 11.84 46.08 13.68
N THR A 361 12.34 46.33 12.47
CA THR A 361 11.79 47.37 11.63
C THR A 361 10.78 46.78 10.66
N VAL A 362 9.54 47.28 10.74
CA VAL A 362 8.48 46.85 9.85
C VAL A 362 7.88 48.06 9.15
N ILE A 363 7.79 47.99 7.82
CA ILE A 363 7.17 49.04 7.04
C ILE A 363 6.06 48.46 6.17
N HIS A 364 5.32 49.34 5.51
CA HIS A 364 4.30 48.91 4.56
C HIS A 364 4.49 49.63 3.23
N VAL A 365 4.38 48.88 2.14
CA VAL A 365 4.58 49.45 0.81
C VAL A 365 3.37 49.18 -0.07
N ASP A 366 3.21 49.97 -1.12
CA ASP A 366 2.10 49.78 -2.05
C ASP A 366 2.26 48.49 -2.84
N ARG A 367 1.19 47.70 -2.90
CA ARG A 367 1.24 46.41 -3.60
C ARG A 367 1.47 46.55 -5.09
N ASP A 368 0.76 47.48 -5.73
CA ASP A 368 0.89 47.66 -7.17
C ASP A 368 2.32 48.03 -7.54
N GLU A 369 2.90 48.98 -6.81
CA GLU A 369 4.27 49.38 -7.03
C GLU A 369 5.23 48.23 -6.75
N LEU A 370 4.92 47.45 -5.71
CA LEU A 370 5.73 46.30 -5.31
C LEU A 370 5.85 45.25 -6.41
N ASN A 371 4.74 44.96 -7.07
CA ASN A 371 4.74 43.98 -8.16
C ASN A 371 5.48 44.53 -9.39
N LYS A 372 5.74 45.84 -9.35
CA LYS A 372 6.50 46.51 -10.40
C LYS A 372 7.92 46.81 -9.93
N GLN A 373 8.40 46.02 -8.98
CA GLN A 373 9.77 46.13 -8.46
C GLN A 373 10.09 47.48 -7.82
N ARG A 374 9.08 48.11 -7.23
CA ARG A 374 9.28 49.40 -6.58
C ARG A 374 8.81 49.41 -5.13
N PHE A 375 9.62 50.00 -4.26
CA PHE A 375 9.21 50.25 -2.88
C PHE A 375 8.63 51.65 -2.73
N VAL A 376 7.34 51.73 -2.44
CA VAL A 376 6.72 53.01 -2.13
C VAL A 376 6.02 52.91 -0.79
N GLU A 377 6.59 53.56 0.23
CA GLU A 377 6.08 53.42 1.59
C GLU A 377 4.70 54.03 1.74
N VAL A 378 3.82 53.28 2.41
CA VAL A 378 2.46 53.74 2.69
C VAL A 378 2.11 53.44 4.13
N ALA A 379 1.05 54.07 4.64
CA ALA A 379 0.56 53.80 5.98
C ALA A 379 0.03 52.37 6.07
N ALA A 380 0.10 51.79 7.26
CA ALA A 380 -0.43 50.44 7.47
C ALA A 380 -1.93 50.36 7.22
N ASP A 381 -2.64 51.47 7.46
CA ASP A 381 -4.08 51.51 7.30
C ASP A 381 -4.51 51.48 5.83
N ALA A 382 -3.58 51.80 4.92
CA ALA A 382 -3.86 51.84 3.48
C ALA A 382 -4.41 50.50 3.00
N PRO A 383 -5.45 50.53 2.15
CA PRO A 383 -6.16 49.31 1.75
C PRO A 383 -5.32 48.32 0.96
N ASN A 384 -4.31 48.78 0.24
CA ASN A 384 -3.48 47.90 -0.58
C ASN A 384 -2.06 47.80 -0.08
N ALA A 385 -1.89 47.95 1.24
CA ALA A 385 -0.56 47.94 1.83
C ALA A 385 -0.06 46.53 2.05
N VAL A 386 1.23 46.32 1.79
CA VAL A 386 1.90 45.05 2.01
C VAL A 386 3.02 45.21 3.02
N ALA A 387 2.99 44.38 4.07
CA ALA A 387 3.99 44.48 5.11
C ALA A 387 5.34 44.00 4.61
N GLN A 388 6.39 44.70 5.02
CA GLN A 388 7.76 44.31 4.69
C GLN A 388 8.63 44.39 5.93
N VAL A 389 9.23 43.27 6.31
CA VAL A 389 10.06 43.22 7.51
C VAL A 389 11.54 43.27 7.15
N SER A 390 12.23 44.28 7.66
CA SER A 390 13.66 44.46 7.40
C SER A 390 14.51 43.29 7.91
N ALA A 391 15.57 42.97 7.16
CA ALA A 391 16.49 41.92 7.56
C ALA A 391 17.78 42.50 8.13
N GLY A 392 17.76 43.81 8.38
CA GLY A 392 18.84 44.47 9.10
C GLY A 392 20.06 44.83 8.29
N LYS A 393 21.23 44.79 8.94
CA LYS A 393 22.49 45.17 8.30
C LYS A 393 23.32 43.97 7.89
N VAL A 394 23.97 44.08 6.74
CA VAL A 394 24.84 43.03 6.23
C VAL A 394 26.05 42.84 7.15
N GLY A 395 26.46 41.59 7.33
CA GLY A 395 27.57 41.27 8.22
C GLY A 395 28.90 41.84 7.75
N VAL A 396 29.90 41.77 8.65
CA VAL A 396 31.22 42.33 8.37
C VAL A 396 31.93 41.51 7.28
N ASP A 397 32.64 42.22 6.41
CA ASP A 397 33.38 41.63 5.30
C ASP A 397 32.56 40.75 4.39
N GLU A 398 31.27 41.08 4.23
CA GLU A 398 30.52 40.56 3.11
C GLU A 398 29.66 41.70 2.54
N TRP A 399 29.22 41.54 1.30
CA TRP A 399 28.52 42.60 0.60
C TRP A 399 27.28 42.06 -0.05
N ALA A 400 26.20 42.83 0.00
CA ALA A 400 24.99 42.51 -0.73
C ALA A 400 24.62 43.69 -1.60
N VAL A 401 24.34 43.42 -2.87
CA VAL A 401 23.95 44.46 -3.80
C VAL A 401 22.63 44.08 -4.48
N ILE A 402 21.84 45.09 -4.83
CA ILE A 402 20.60 44.87 -5.56
C ILE A 402 20.84 45.08 -7.05
N VAL A 403 20.62 44.03 -7.84
CA VAL A 403 21.08 44.01 -9.22
C VAL A 403 19.98 43.80 -10.26
N ASP A 404 20.03 44.58 -11.33
CA ASP A 404 19.23 44.31 -12.52
C ASP A 404 19.94 43.20 -13.29
N THR A 405 19.36 42.00 -13.27
CA THR A 405 20.04 40.81 -13.79
C THR A 405 20.34 40.86 -15.28
N GLU A 406 19.61 41.68 -16.01
CA GLU A 406 19.84 41.80 -17.45
C GLU A 406 21.06 42.64 -17.77
N THR A 407 21.33 43.64 -16.95
CA THR A 407 22.46 44.52 -17.19
C THR A 407 23.62 44.24 -16.23
N ALA A 408 23.37 43.35 -15.27
CA ALA A 408 24.34 43.04 -14.22
C ALA A 408 24.81 44.31 -13.54
N SER A 409 23.88 45.25 -13.34
CA SER A 409 24.20 46.56 -12.80
C SER A 409 23.43 46.83 -11.51
N GLU A 410 24.06 47.57 -10.60
CA GLU A 410 23.45 47.93 -9.33
C GLU A 410 22.24 48.84 -9.53
N LEU A 411 21.17 48.57 -8.78
CA LEU A 411 19.98 49.41 -8.81
C LEU A 411 19.98 50.43 -7.67
N PRO A 412 19.29 51.56 -7.87
CA PRO A 412 19.18 52.55 -6.78
C PRO A 412 18.28 52.03 -5.65
N ASP A 413 18.43 52.60 -4.45
CA ASP A 413 17.63 52.18 -3.30
C ASP A 413 16.13 52.33 -3.57
N GLY A 414 15.37 51.33 -3.19
CA GLY A 414 13.93 51.37 -3.34
C GLY A 414 13.44 50.59 -4.55
N GLN A 415 14.37 50.27 -5.43
CA GLN A 415 14.07 49.43 -6.59
C GLN A 415 14.46 47.99 -6.31
N ILE A 416 13.61 47.07 -6.73
CA ILE A 416 13.82 45.65 -6.44
C ILE A 416 14.56 44.94 -7.58
N GLY A 417 15.58 44.19 -7.20
CA GLY A 417 16.34 43.36 -8.13
C GLY A 417 16.86 42.14 -7.40
N GLU A 418 17.65 41.32 -8.08
CA GLU A 418 18.21 40.14 -7.43
C GLU A 418 19.34 40.54 -6.49
N ILE A 419 19.36 39.92 -5.31
CA ILE A 419 20.45 40.13 -4.38
C ILE A 419 21.65 39.31 -4.84
N TRP A 420 22.79 39.99 -4.99
CA TRP A 420 24.04 39.33 -5.31
C TRP A 420 24.99 39.49 -4.13
N LEU A 421 25.82 38.49 -3.89
CA LEU A 421 26.66 38.49 -2.70
C LEU A 421 28.14 38.35 -3.00
N HIS A 422 28.97 38.94 -2.15
CA HIS A 422 30.41 38.77 -2.22
C HIS A 422 30.99 38.79 -0.82
N GLY A 423 31.92 37.87 -0.56
CA GLY A 423 32.53 37.76 0.76
C GLY A 423 33.14 36.39 0.99
N ASN A 424 34.06 36.29 1.94
CA ASN A 424 34.76 35.05 2.22
C ASN A 424 33.91 33.95 2.88
N ASN A 425 32.64 34.24 3.14
CA ASN A 425 31.74 33.22 3.65
C ASN A 425 30.97 32.53 2.53
N LEU A 426 31.20 32.98 1.31
CA LEU A 426 30.45 32.42 0.19
C LEU A 426 31.12 31.22 -0.46
N GLY A 427 30.33 30.19 -0.72
CA GLY A 427 30.80 28.93 -1.24
C GLY A 427 31.40 29.05 -2.62
N ILE A 428 32.00 27.96 -3.09
CA ILE A 428 32.74 27.98 -4.35
C ILE A 428 32.05 27.16 -5.45
N GLY A 429 30.85 26.68 -5.18
CA GLY A 429 30.08 25.97 -6.20
C GLY A 429 29.13 24.90 -5.69
N TYR A 430 28.42 24.28 -6.63
CA TYR A 430 27.60 23.11 -6.34
C TYR A 430 28.33 21.86 -6.78
N TRP A 431 28.37 20.86 -5.91
CA TRP A 431 29.14 19.63 -6.18
C TRP A 431 28.72 18.95 -7.48
N GLY A 432 29.68 18.81 -8.39
CA GLY A 432 29.47 18.09 -9.64
C GLY A 432 28.57 18.78 -10.65
N LYS A 433 28.25 20.05 -10.41
CA LYS A 433 27.38 20.81 -11.29
C LYS A 433 28.12 21.98 -11.95
N GLU A 434 28.80 21.71 -13.05
CA GLU A 434 29.63 22.70 -13.73
C GLU A 434 28.84 23.93 -14.16
N GLU A 435 27.74 23.72 -14.88
CA GLU A 435 26.97 24.84 -15.44
C GLU A 435 26.28 25.66 -14.36
N GLU A 436 25.60 24.98 -13.45
CA GLU A 436 24.89 25.67 -12.36
C GLU A 436 25.86 26.46 -11.50
N SER A 437 27.04 25.90 -11.26
CA SER A 437 28.06 26.57 -10.46
C SER A 437 28.50 27.86 -11.12
N ALA A 438 28.73 27.80 -12.42
CA ALA A 438 29.19 28.96 -13.17
C ALA A 438 28.14 30.07 -13.14
N GLN A 439 26.89 29.73 -13.42
CA GLN A 439 25.81 30.70 -13.44
C GLN A 439 25.60 31.37 -12.08
N THR A 440 25.66 30.57 -11.01
CA THR A 440 25.42 31.07 -9.67
C THR A 440 26.64 31.81 -9.09
N PHE A 441 27.83 31.25 -9.29
CA PHE A 441 29.00 31.73 -8.56
C PHE A 441 29.99 32.56 -9.39
N ARG A 442 29.80 32.62 -10.70
CA ARG A 442 30.70 33.39 -11.55
C ARG A 442 30.01 34.56 -12.24
N ASN A 443 29.83 35.64 -11.48
CA ASN A 443 29.16 36.84 -11.99
C ASN A 443 29.96 38.10 -11.72
N ILE A 444 29.93 39.03 -12.66
CA ILE A 444 30.60 40.31 -12.44
C ILE A 444 29.57 41.42 -12.30
N LEU A 445 29.82 42.33 -11.36
CA LEU A 445 29.00 43.53 -11.21
C LEU A 445 29.52 44.59 -12.16
N LYS A 446 28.84 44.75 -13.29
CA LYS A 446 29.31 45.60 -14.37
C LYS A 446 29.28 47.08 -14.01
N SER A 447 28.19 47.53 -13.38
CA SER A 447 28.06 48.93 -12.98
C SER A 447 27.60 49.06 -11.54
N ARG A 448 28.05 50.12 -10.88
CA ARG A 448 27.58 50.47 -9.55
C ARG A 448 26.85 51.80 -9.57
N VAL A 449 26.09 52.08 -8.50
CA VAL A 449 25.48 53.37 -8.30
C VAL A 449 26.46 54.26 -7.53
N PRO A 450 26.23 55.59 -7.53
CA PRO A 450 27.15 56.50 -6.83
C PRO A 450 27.44 56.13 -5.37
N GLU A 451 26.39 55.85 -4.59
CA GLU A 451 26.60 55.37 -3.23
C GLU A 451 26.41 53.86 -3.18
N SER A 452 27.39 53.15 -3.71
CA SER A 452 27.29 51.71 -3.91
C SER A 452 27.31 50.90 -2.61
N HIS A 453 26.48 49.86 -2.57
CA HIS A 453 26.51 48.93 -1.45
C HIS A 453 27.62 47.89 -1.67
N ALA A 454 28.30 47.99 -2.82
CA ALA A 454 29.45 47.16 -3.11
C ALA A 454 30.75 47.85 -2.70
N GLU A 455 30.65 49.09 -2.24
CA GLU A 455 31.84 49.85 -1.85
C GLU A 455 32.65 49.08 -0.82
N GLY A 456 33.91 48.79 -1.18
CA GLY A 456 34.78 48.01 -0.32
C GLY A 456 35.08 46.66 -0.95
N ALA A 457 34.18 46.18 -1.79
CA ALA A 457 34.39 44.96 -2.55
C ALA A 457 35.22 45.24 -3.81
N PRO A 458 36.02 44.26 -4.25
CA PRO A 458 36.82 44.44 -5.47
C PRO A 458 35.93 44.61 -6.69
N ASP A 459 36.29 45.55 -7.56
CA ASP A 459 35.46 45.89 -8.71
C ASP A 459 35.32 44.69 -9.67
N ASP A 460 36.37 43.88 -9.76
CA ASP A 460 36.36 42.74 -10.67
C ASP A 460 36.17 41.42 -9.93
N GLY A 461 35.69 41.49 -8.70
CA GLY A 461 35.44 40.29 -7.92
C GLY A 461 34.22 39.55 -8.42
N LEU A 462 34.15 38.26 -8.13
CA LEU A 462 33.00 37.46 -8.52
C LEU A 462 31.87 37.56 -7.50
N TRP A 463 30.64 37.65 -8.00
CA TRP A 463 29.46 37.77 -7.16
C TRP A 463 28.59 36.53 -7.28
N VAL A 464 27.89 36.21 -6.21
CA VAL A 464 27.02 35.04 -6.18
C VAL A 464 25.55 35.45 -6.23
N ARG A 465 24.81 34.84 -7.15
CA ARG A 465 23.38 35.09 -7.32
C ARG A 465 22.57 34.28 -6.32
N THR A 466 21.73 34.95 -5.54
CA THR A 466 20.96 34.30 -4.48
C THR A 466 19.67 33.64 -4.97
N GLY A 467 19.10 34.17 -6.04
CA GLY A 467 17.80 33.72 -6.50
C GLY A 467 16.68 34.47 -5.80
N ASP A 468 17.06 35.48 -5.00
CA ASP A 468 16.09 36.27 -4.24
C ASP A 468 15.95 37.70 -4.74
N TYR A 469 14.72 38.17 -4.81
CA TYR A 469 14.46 39.58 -5.03
C TYR A 469 14.61 40.33 -3.71
N GLY A 470 15.16 41.53 -3.77
CA GLY A 470 15.33 42.35 -2.59
C GLY A 470 15.54 43.82 -2.91
N THR A 471 15.66 44.64 -1.87
CA THR A 471 15.93 46.05 -2.06
C THR A 471 16.50 46.69 -0.79
N TYR A 472 17.23 47.78 -0.98
CA TYR A 472 17.66 48.61 0.13
C TYR A 472 16.70 49.77 0.31
N PHE A 473 16.28 50.01 1.54
CA PHE A 473 15.34 51.08 1.80
C PHE A 473 15.62 51.72 3.16
N LYS A 474 16.09 52.96 3.11
CA LYS A 474 16.39 53.75 4.31
C LYS A 474 17.33 53.02 5.27
N GLY A 475 18.39 52.44 4.71
CA GLY A 475 19.44 51.80 5.47
C GLY A 475 19.22 50.33 5.77
N HIS A 476 18.04 49.83 5.43
CA HIS A 476 17.70 48.43 5.72
C HIS A 476 17.64 47.57 4.47
N LEU A 477 18.02 46.31 4.61
CA LEU A 477 17.88 45.34 3.53
C LEU A 477 16.56 44.59 3.65
N TYR A 478 15.80 44.54 2.56
CA TYR A 478 14.53 43.84 2.54
C TYR A 478 14.56 42.67 1.58
N ILE A 479 13.96 41.56 1.98
CA ILE A 479 13.86 40.39 1.13
C ILE A 479 12.44 40.30 0.57
N ALA A 480 12.28 40.69 -0.68
CA ALA A 480 10.97 40.71 -1.32
C ALA A 480 10.41 39.30 -1.45
N GLY A 481 11.27 38.35 -1.82
CA GLY A 481 10.86 36.98 -1.99
C GLY A 481 11.84 36.20 -2.87
N ARG A 482 11.45 34.98 -3.23
CA ARG A 482 12.29 34.13 -4.07
C ARG A 482 11.81 34.17 -5.51
N ILE A 483 12.72 34.45 -6.43
CA ILE A 483 12.39 34.69 -7.83
C ILE A 483 11.63 33.54 -8.49
N LYS A 484 12.10 32.31 -8.29
CA LYS A 484 11.47 31.15 -8.89
C LYS A 484 10.09 30.85 -8.30
N ASP A 485 9.79 31.39 -7.13
CA ASP A 485 8.48 31.16 -6.50
C ASP A 485 7.44 32.22 -6.88
N LEU A 486 7.82 33.14 -7.76
CA LEU A 486 6.87 34.16 -8.21
C LEU A 486 5.68 33.53 -8.91
N VAL A 487 4.49 34.08 -8.65
CA VAL A 487 3.29 33.61 -9.33
C VAL A 487 2.95 34.55 -10.47
N ILE A 488 3.25 34.13 -11.69
CA ILE A 488 3.04 34.97 -12.88
C ILE A 488 1.72 34.63 -13.55
N ILE A 489 0.76 35.55 -13.45
CA ILE A 489 -0.56 35.37 -14.07
C ILE A 489 -0.85 36.50 -15.04
N ASP A 490 -1.18 36.15 -16.28
CA ASP A 490 -1.52 37.12 -17.33
C ASP A 490 -0.47 38.22 -17.47
N GLY A 491 0.80 37.82 -17.49
CA GLY A 491 1.90 38.76 -17.63
C GLY A 491 1.97 39.77 -16.50
N ARG A 492 1.66 39.32 -15.29
CA ARG A 492 1.73 40.18 -14.11
C ARG A 492 2.28 39.42 -12.92
N ASN A 493 3.07 40.10 -12.09
CA ASN A 493 3.76 39.48 -10.97
C ASN A 493 2.98 39.47 -9.66
N HIS A 494 3.08 38.37 -8.93
CA HIS A 494 2.53 38.27 -7.58
C HIS A 494 3.51 37.55 -6.67
N TYR A 495 3.78 38.12 -5.50
CA TYR A 495 4.54 37.42 -4.47
C TYR A 495 3.62 36.46 -3.74
N PRO A 496 3.99 35.17 -3.69
CA PRO A 496 3.09 34.16 -3.14
C PRO A 496 2.76 34.38 -1.66
N GLN A 497 3.70 34.91 -0.88
CA GLN A 497 3.43 35.11 0.54
C GLN A 497 2.47 36.28 0.73
N ASP A 498 2.41 37.15 -0.27
CA ASP A 498 1.45 38.25 -0.27
C ASP A 498 0.05 37.69 -0.48
N LEU A 499 -0.12 36.85 -1.50
CA LEU A 499 -1.37 36.16 -1.77
C LEU A 499 -1.76 35.29 -0.58
N GLU A 500 -0.79 34.57 -0.04
CA GLU A 500 -1.01 33.64 1.06
C GLU A 500 -1.50 34.38 2.30
N TYR A 501 -0.96 35.57 2.53
CA TYR A 501 -1.37 36.38 3.68
C TYR A 501 -2.80 36.90 3.52
N THR A 502 -3.16 37.30 2.29
CA THR A 502 -4.51 37.78 2.00
C THR A 502 -5.50 36.64 2.14
N ALA A 503 -5.10 35.48 1.64
CA ALA A 503 -5.92 34.29 1.77
C ALA A 503 -6.02 33.96 3.24
N GLN A 504 -4.92 34.16 4.00
CA GLN A 504 -5.00 33.83 5.43
C GLN A 504 -6.02 34.69 6.10
N GLU A 505 -5.92 35.99 5.82
CA GLU A 505 -6.61 36.97 6.62
C GLU A 505 -8.05 37.14 6.17
N SER A 506 -8.40 36.51 5.06
CA SER A 506 -9.76 36.58 4.56
C SER A 506 -10.69 35.64 5.33
N THR A 507 -10.13 34.68 6.05
CA THR A 507 -10.94 33.68 6.73
C THR A 507 -10.27 33.12 7.99
N LYS A 508 -11.08 32.72 8.96
CA LYS A 508 -10.57 32.11 10.17
C LYS A 508 -10.40 30.61 10.00
N ALA A 509 -10.69 30.13 8.80
CA ALA A 509 -10.67 28.70 8.51
C ALA A 509 -9.29 28.19 8.10
N LEU A 510 -8.39 29.11 7.77
CA LEU A 510 -7.06 28.70 7.33
C LEU A 510 -6.06 28.72 8.47
N ARG A 511 -5.26 27.67 8.56
CA ARG A 511 -4.23 27.57 9.59
C ARG A 511 -3.07 28.51 9.28
N VAL A 512 -2.61 29.24 10.30
CA VAL A 512 -1.57 30.26 10.13
C VAL A 512 -0.27 29.65 9.61
N GLY A 513 0.18 30.11 8.44
CA GLY A 513 1.45 29.67 7.91
C GLY A 513 1.37 28.41 7.06
N TYR A 514 0.17 27.91 6.86
CA TYR A 514 -0.03 26.69 6.10
C TYR A 514 -0.92 26.92 4.89
N VAL A 515 -0.55 27.93 4.11
CA VAL A 515 -1.22 28.23 2.85
C VAL A 515 -0.17 28.32 1.75
N ALA A 516 -0.48 27.77 0.58
CA ALA A 516 0.46 27.78 -0.53
C ALA A 516 -0.18 28.35 -1.79
N ALA A 517 0.39 29.42 -2.31
CA ALA A 517 -0.08 30.01 -3.55
C ALA A 517 0.90 29.70 -4.68
N PHE A 518 0.37 29.18 -5.79
CA PHE A 518 1.19 28.87 -6.95
C PHE A 518 0.32 28.85 -8.19
N SER A 519 0.96 28.69 -9.36
CA SER A 519 0.23 28.66 -10.60
C SER A 519 0.39 27.32 -11.31
N VAL A 520 -0.68 26.89 -11.97
CA VAL A 520 -0.67 25.70 -12.80
C VAL A 520 -1.23 26.05 -14.18
N PRO A 521 -0.62 25.54 -15.26
CA PRO A 521 -1.18 25.76 -16.60
C PRO A 521 -2.61 25.21 -16.70
N ALA A 522 -3.47 25.95 -17.39
CA ALA A 522 -4.90 25.63 -17.46
C ALA A 522 -5.20 24.19 -17.87
N ASN A 523 -4.47 23.69 -18.86
CA ASN A 523 -4.70 22.34 -19.36
C ASN A 523 -4.33 21.26 -18.33
N GLN A 524 -3.51 21.64 -17.35
CA GLN A 524 -3.09 20.70 -16.33
C GLN A 524 -3.90 20.79 -15.04
N LEU A 525 -4.94 21.62 -15.04
CA LEU A 525 -5.84 21.67 -13.89
C LEU A 525 -6.69 20.41 -13.85
N PRO A 526 -7.01 19.95 -12.64
CA PRO A 526 -7.80 18.71 -12.51
C PRO A 526 -9.26 18.93 -12.93
N GLN A 527 -9.93 17.85 -13.31
CA GLN A 527 -11.33 17.93 -13.76
C GLN A 527 -12.23 18.54 -12.70
N LYS A 528 -11.87 18.32 -11.44
CA LYS A 528 -12.61 18.86 -10.30
C LYS A 528 -12.80 20.37 -10.39
N VAL A 529 -11.78 21.06 -10.87
CA VAL A 529 -11.83 22.51 -11.02
C VAL A 529 -12.88 22.93 -12.03
N PHE A 530 -12.88 22.25 -13.18
CA PHE A 530 -13.82 22.58 -14.25
C PHE A 530 -15.25 22.23 -13.87
N ASP A 531 -15.41 21.27 -12.96
CA ASP A 531 -16.74 20.90 -12.47
C ASP A 531 -17.31 22.00 -11.57
N ASP A 532 -16.43 22.83 -11.03
CA ASP A 532 -16.81 23.91 -10.13
C ASP A 532 -17.10 25.19 -10.91
N PRO A 533 -18.35 25.67 -10.87
CA PRO A 533 -18.74 26.88 -11.61
C PRO A 533 -18.15 28.15 -11.00
N HIS A 534 -17.65 28.07 -9.77
CA HIS A 534 -17.00 29.21 -9.14
C HIS A 534 -15.61 29.43 -9.72
N ALA A 535 -15.06 28.39 -10.34
CA ALA A 535 -13.73 28.46 -10.94
C ALA A 535 -13.71 29.37 -12.17
N GLY A 536 -14.78 29.33 -12.95
CA GLY A 536 -14.90 30.16 -14.14
C GLY A 536 -13.93 29.75 -15.24
N LEU A 537 -13.86 28.44 -15.47
CA LEU A 537 -12.97 27.89 -16.49
C LEU A 537 -13.63 26.72 -17.21
N SER A 538 -13.34 26.59 -18.50
CA SER A 538 -13.81 25.46 -19.29
C SER A 538 -12.60 24.77 -19.88
N PHE A 539 -12.61 23.44 -19.88
CA PHE A 539 -11.44 22.69 -20.29
C PHE A 539 -11.08 22.92 -21.76
N ASP A 540 -9.81 23.27 -21.96
CA ASP A 540 -9.23 23.46 -23.29
C ASP A 540 -7.88 22.77 -23.26
N PRO A 541 -7.73 21.71 -24.08
CA PRO A 541 -6.51 20.90 -24.04
C PRO A 541 -5.25 21.60 -24.55
N GLU A 542 -5.37 22.80 -25.09
CA GLU A 542 -4.18 23.54 -25.49
C GLU A 542 -4.17 24.96 -24.91
N ASP A 543 -4.98 25.16 -23.86
CA ASP A 543 -4.86 26.37 -23.06
C ASP A 543 -3.80 26.11 -21.99
N THR A 544 -2.67 26.81 -22.10
CA THR A 544 -1.55 26.56 -21.20
C THR A 544 -1.27 27.75 -20.28
N SER A 545 -2.18 28.71 -20.27
CA SER A 545 -2.04 29.90 -19.45
C SER A 545 -2.02 29.56 -17.96
N GLU A 546 -1.14 30.22 -17.22
CA GLU A 546 -0.97 29.96 -15.79
C GLU A 546 -2.21 30.35 -14.99
N GLN A 547 -2.69 29.44 -14.15
CA GLN A 547 -3.88 29.69 -13.35
C GLN A 547 -3.55 29.61 -11.87
N LEU A 548 -4.02 30.60 -11.10
CA LEU A 548 -3.71 30.69 -9.68
C LEU A 548 -4.40 29.60 -8.88
N VAL A 549 -3.60 28.84 -8.14
CA VAL A 549 -4.14 27.84 -7.23
C VAL A 549 -3.70 28.15 -5.80
N ILE A 550 -4.63 27.99 -4.86
CA ILE A 550 -4.31 28.19 -3.45
C ILE A 550 -4.63 26.92 -2.68
N VAL A 551 -3.61 26.38 -2.02
CA VAL A 551 -3.77 25.22 -1.16
C VAL A 551 -3.55 25.63 0.29
N GLY A 552 -4.48 25.28 1.16
CA GLY A 552 -4.40 25.67 2.55
C GLY A 552 -4.91 24.62 3.51
N GLU A 553 -4.22 24.47 4.64
CA GLU A 553 -4.64 23.54 5.68
C GLU A 553 -5.69 24.19 6.57
N ARG A 554 -6.65 23.39 7.02
CA ARG A 554 -7.71 23.89 7.89
C ARG A 554 -7.18 24.21 9.27
N ALA A 555 -7.67 25.31 9.85
CA ALA A 555 -7.29 25.70 11.20
C ALA A 555 -7.84 24.71 12.21
N ALA A 556 -7.29 24.74 13.42
CA ALA A 556 -7.71 23.85 14.49
C ALA A 556 -9.20 23.96 14.77
N GLY A 557 -9.87 22.82 14.90
CA GLY A 557 -11.29 22.78 15.26
C GLY A 557 -12.24 23.37 14.25
N THR A 558 -11.84 23.42 12.98
CA THR A 558 -12.70 23.97 11.94
C THR A 558 -13.09 22.92 10.90
N HIS A 559 -12.84 21.65 11.22
CA HIS A 559 -13.10 20.55 10.29
C HIS A 559 -14.58 20.43 9.90
N LYS A 560 -15.48 20.96 10.72
CA LYS A 560 -16.91 20.88 10.42
C LYS A 560 -17.41 22.06 9.60
N LEU A 561 -16.56 23.07 9.41
CA LEU A 561 -16.96 24.26 8.64
C LEU A 561 -17.10 23.92 7.16
N GLU A 562 -18.13 24.48 6.52
CA GLU A 562 -18.38 24.17 5.12
C GLU A 562 -17.39 24.87 4.19
N TYR A 563 -17.08 24.18 3.11
CA TYR A 563 -16.02 24.59 2.18
C TYR A 563 -16.32 25.90 1.46
N GLN A 564 -17.50 25.99 0.85
CA GLN A 564 -17.78 27.06 -0.12
C GLN A 564 -17.69 28.49 0.45
N PRO A 565 -18.22 28.73 1.67
CA PRO A 565 -18.00 30.08 2.20
C PRO A 565 -16.51 30.43 2.37
N ILE A 566 -15.71 29.44 2.74
CA ILE A 566 -14.28 29.63 2.90
C ILE A 566 -13.61 29.96 1.56
N ALA A 567 -13.94 29.17 0.53
CA ALA A 567 -13.39 29.39 -0.81
C ALA A 567 -13.85 30.73 -1.37
N ASP A 568 -15.11 31.06 -1.14
CA ASP A 568 -15.67 32.32 -1.63
C ASP A 568 -14.97 33.52 -0.99
N ASP A 569 -14.73 33.43 0.32
CA ASP A 569 -14.06 34.52 1.01
C ASP A 569 -12.64 34.72 0.51
N ILE A 570 -11.90 33.62 0.34
CA ILE A 570 -10.53 33.69 -0.16
C ILE A 570 -10.51 34.29 -1.56
N ARG A 571 -11.36 33.76 -2.43
CA ARG A 571 -11.45 34.22 -3.81
C ARG A 571 -11.76 35.72 -3.90
N ALA A 572 -12.72 36.16 -3.10
CA ALA A 572 -13.13 37.56 -3.09
C ALA A 572 -11.99 38.48 -2.66
N ALA A 573 -11.29 38.09 -1.60
CA ALA A 573 -10.21 38.92 -1.06
C ALA A 573 -9.04 39.02 -2.03
N ILE A 574 -8.75 37.93 -2.73
CA ILE A 574 -7.61 37.91 -3.65
C ILE A 574 -7.97 38.71 -4.90
N ALA A 575 -9.23 38.64 -5.29
CA ALA A 575 -9.72 39.40 -6.43
C ALA A 575 -9.64 40.90 -6.17
N VAL A 576 -10.16 41.33 -5.04
CA VAL A 576 -10.23 42.75 -4.71
C VAL A 576 -8.88 43.34 -4.30
N GLY A 577 -8.00 42.49 -3.79
CA GLY A 577 -6.72 42.96 -3.29
C GLY A 577 -5.58 42.86 -4.28
N HIS A 578 -5.65 41.89 -5.18
CA HIS A 578 -4.53 41.59 -6.07
C HIS A 578 -4.91 41.65 -7.54
N GLY A 579 -6.20 41.79 -7.83
CA GLY A 579 -6.68 41.89 -9.20
C GLY A 579 -6.44 40.62 -10.00
N VAL A 580 -6.49 39.48 -9.32
CA VAL A 580 -6.29 38.19 -9.97
C VAL A 580 -7.29 37.19 -9.40
N THR A 581 -7.74 36.26 -10.24
CA THR A 581 -8.77 35.32 -9.84
C THR A 581 -8.22 33.94 -9.49
N VAL A 582 -8.55 33.46 -8.30
CA VAL A 582 -8.18 32.11 -7.90
C VAL A 582 -9.07 31.11 -8.62
N ARG A 583 -8.46 30.17 -9.34
CA ARG A 583 -9.24 29.19 -10.08
C ARG A 583 -9.64 28.01 -9.18
N ASP A 584 -8.81 27.71 -8.19
CA ASP A 584 -9.13 26.62 -7.29
C ASP A 584 -8.60 26.85 -5.88
N VAL A 585 -9.44 26.58 -4.90
CA VAL A 585 -9.03 26.59 -3.51
C VAL A 585 -9.18 25.18 -2.96
N LEU A 586 -8.09 24.60 -2.50
CA LEU A 586 -8.11 23.23 -2.01
C LEU A 586 -7.81 23.17 -0.51
N LEU A 587 -8.83 22.86 0.27
CA LEU A 587 -8.67 22.72 1.71
C LEU A 587 -8.32 21.28 2.09
N VAL A 588 -7.13 21.11 2.65
CA VAL A 588 -6.67 19.79 3.06
C VAL A 588 -6.53 19.74 4.58
N SER A 589 -6.41 18.54 5.12
CA SER A 589 -6.26 18.36 6.56
C SER A 589 -4.87 18.81 7.00
N ALA A 590 -4.72 19.05 8.30
CA ALA A 590 -3.45 19.51 8.85
C ALA A 590 -2.33 18.49 8.64
N GLY A 591 -1.18 18.97 8.19
CA GLY A 591 0.00 18.14 8.00
C GLY A 591 0.11 17.49 6.63
N THR A 592 -0.85 17.79 5.75
CA THR A 592 -0.89 17.16 4.43
C THR A 592 -0.04 17.95 3.42
N ILE A 593 0.00 19.27 3.57
CA ILE A 593 0.84 20.10 2.69
C ILE A 593 2.29 19.70 2.85
N PRO A 594 2.96 19.38 1.74
CA PRO A 594 4.38 18.99 1.75
C PRO A 594 5.26 20.04 2.42
N ARG A 595 6.26 19.60 3.15
CA ARG A 595 7.16 20.52 3.81
C ARG A 595 8.62 20.10 3.62
N THR A 596 9.50 21.09 3.59
CA THR A 596 10.93 20.84 3.40
C THR A 596 11.51 20.18 4.63
N SER A 597 12.77 19.76 4.54
CA SER A 597 13.44 19.08 5.64
C SER A 597 13.62 19.97 6.88
N SER A 598 13.52 21.29 6.69
CA SER A 598 13.67 22.23 7.80
C SER A 598 12.33 22.74 8.31
N GLY A 599 11.25 22.39 7.61
CA GLY A 599 9.91 22.75 8.06
C GLY A 599 9.22 23.84 7.26
N LYS A 600 9.92 24.35 6.23
CA LYS A 600 9.30 25.33 5.35
C LYS A 600 8.19 24.70 4.51
N ILE A 601 7.34 25.52 3.94
CA ILE A 601 6.30 25.01 3.05
C ILE A 601 6.92 24.77 1.68
N GLY A 602 6.81 23.54 1.19
CA GLY A 602 7.34 23.20 -0.11
C GLY A 602 6.31 23.45 -1.19
N ARG A 603 6.32 24.66 -1.75
CA ARG A 603 5.34 25.04 -2.77
C ARG A 603 5.47 24.18 -4.02
N ARG A 604 6.70 23.84 -4.40
CA ARG A 604 6.94 23.04 -5.60
C ARG A 604 6.39 21.62 -5.43
N ALA A 605 6.70 20.99 -4.30
CA ALA A 605 6.19 19.65 -4.02
C ALA A 605 4.68 19.68 -3.87
N CYS A 606 4.16 20.77 -3.32
CA CYS A 606 2.71 20.94 -3.15
C CYS A 606 2.05 21.10 -4.51
N ARG A 607 2.70 21.86 -5.38
CA ARG A 607 2.23 22.04 -6.75
C ARG A 607 2.18 20.71 -7.47
N THR A 608 3.27 19.96 -7.37
CA THR A 608 3.35 18.63 -7.95
C THR A 608 2.28 17.70 -7.39
N ALA A 609 2.14 17.70 -6.07
CA ALA A 609 1.18 16.84 -5.40
C ALA A 609 -0.27 17.21 -5.75
N TYR A 610 -0.47 18.47 -6.16
CA TYR A 610 -1.78 18.94 -6.54
C TYR A 610 -2.15 18.43 -7.92
N ILE A 611 -1.19 18.47 -8.85
CA ILE A 611 -1.42 18.09 -10.23
C ILE A 611 -1.66 16.58 -10.41
N ASP A 612 -0.88 15.75 -9.70
CA ASP A 612 -1.00 14.31 -9.84
C ASP A 612 -2.12 13.72 -8.98
N GLY A 613 -2.79 14.59 -8.22
CA GLY A 613 -3.95 14.21 -7.44
C GLY A 613 -3.64 13.47 -6.15
N SER A 614 -2.37 13.46 -5.76
CA SER A 614 -1.95 12.81 -4.51
C SER A 614 -2.40 13.65 -3.32
N LEU A 615 -2.41 14.96 -3.50
CA LEU A 615 -2.78 15.91 -2.46
C LEU A 615 -4.23 15.71 -2.02
N ARG A 616 -5.13 15.57 -2.99
CA ARG A 616 -6.55 15.40 -2.70
C ARG A 616 -6.85 14.07 -2.00
N SER A 617 -6.14 13.01 -2.41
CA SER A 617 -6.35 11.69 -1.81
C SER A 617 -5.81 11.64 -0.39
N THR A 623 7.09 13.71 7.66
CA THR A 623 7.87 14.82 8.20
C THR A 623 7.86 14.85 9.72
N VAL A 624 9.03 15.10 10.31
CA VAL A 624 9.16 15.25 11.76
C VAL A 624 8.25 16.36 12.31
N PHE A 625 8.06 17.43 11.53
CA PHE A 625 7.39 18.63 12.03
C PHE A 625 5.87 18.50 11.98
N ALA A 626 5.33 17.55 12.74
CA ALA A 626 3.89 17.32 12.79
C ALA A 626 3.24 18.06 13.96
N TYR B 3 -0.22 -11.05 7.71
CA TYR B 3 0.01 -12.43 7.30
C TYR B 3 1.33 -12.59 6.56
N HIS B 4 1.91 -13.79 6.68
CA HIS B 4 3.16 -14.12 6.00
C HIS B 4 3.21 -15.59 5.61
N ASN B 5 3.86 -15.89 4.49
CA ASN B 5 4.12 -17.27 4.12
C ASN B 5 5.50 -17.38 3.48
N PRO B 6 6.32 -18.34 3.96
CA PRO B 6 7.71 -18.53 3.54
C PRO B 6 7.86 -18.79 2.06
N PHE B 7 6.94 -19.55 1.47
CA PHE B 7 7.05 -19.92 0.06
C PHE B 7 6.58 -18.80 -0.86
N ILE B 8 6.12 -17.69 -0.27
CA ILE B 8 5.69 -16.54 -1.05
C ILE B 8 6.57 -15.32 -0.76
N VAL B 9 7.32 -14.89 -1.76
CA VAL B 9 8.19 -13.72 -1.62
C VAL B 9 7.90 -12.72 -2.76
N ASN B 10 7.71 -11.46 -2.37
CA ASN B 10 7.39 -10.38 -3.30
C ASN B 10 6.20 -10.67 -4.21
N GLY B 11 5.11 -11.14 -3.63
CA GLY B 11 3.87 -11.39 -4.35
C GLY B 11 3.95 -12.54 -5.34
N LYS B 12 4.93 -13.41 -5.16
CA LYS B 12 5.15 -14.51 -6.07
C LYS B 12 5.42 -15.82 -5.33
N ILE B 13 4.80 -16.90 -5.78
CA ILE B 13 5.10 -18.22 -5.25
C ILE B 13 6.46 -18.66 -5.76
N ARG B 14 7.39 -18.86 -4.83
CA ARG B 14 8.71 -19.36 -5.19
C ARG B 14 8.93 -20.73 -4.58
N PHE B 15 8.64 -21.76 -5.36
CA PHE B 15 8.84 -23.12 -4.91
C PHE B 15 10.24 -23.56 -5.26
N PRO B 16 10.92 -24.26 -4.35
CA PRO B 16 12.15 -24.90 -4.78
C PRO B 16 11.83 -26.01 -5.76
N GLU B 17 12.73 -26.35 -6.66
CA GLU B 17 12.47 -27.42 -7.61
C GLU B 17 12.41 -28.72 -6.82
N ASN B 18 11.76 -29.73 -7.40
CA ASN B 18 11.47 -30.98 -6.71
C ASN B 18 10.45 -30.69 -5.59
N THR B 19 9.38 -30.01 -5.97
CA THR B 19 8.27 -29.67 -5.07
C THR B 19 7.03 -30.45 -5.48
N ASN B 20 6.42 -31.14 -4.51
CA ASN B 20 5.22 -31.92 -4.77
C ASN B 20 4.56 -32.34 -3.45
N LEU B 21 3.30 -32.75 -3.52
CA LEU B 21 2.55 -33.09 -2.31
C LEU B 21 3.17 -34.24 -1.53
N VAL B 22 3.86 -35.13 -2.23
CA VAL B 22 4.50 -36.28 -1.57
C VAL B 22 5.56 -35.83 -0.58
N ARG B 23 6.40 -34.90 -0.98
CA ARG B 23 7.45 -34.38 -0.10
C ARG B 23 6.88 -33.56 1.04
N HIS B 24 5.73 -32.96 0.79
CA HIS B 24 5.04 -32.15 1.77
C HIS B 24 4.52 -33.00 2.92
N VAL B 25 3.92 -34.14 2.60
CA VAL B 25 3.40 -35.04 3.61
C VAL B 25 4.54 -35.69 4.39
N GLU B 26 5.63 -36.01 3.70
CA GLU B 26 6.80 -36.61 4.33
C GLU B 26 7.44 -35.65 5.31
N LYS B 27 7.35 -34.36 4.98
CA LYS B 27 7.82 -33.30 5.86
C LYS B 27 7.08 -33.31 7.20
N TRP B 28 5.76 -33.33 7.13
CA TRP B 28 4.94 -33.29 8.33
C TRP B 28 5.06 -34.58 9.13
N ALA B 29 5.39 -35.68 8.46
CA ALA B 29 5.62 -36.95 9.14
C ALA B 29 6.84 -36.86 10.03
N ARG B 30 7.74 -35.92 9.71
CA ARG B 30 8.98 -35.77 10.44
C ARG B 30 8.82 -34.79 11.61
N VAL B 31 8.15 -33.68 11.36
CA VAL B 31 8.06 -32.59 12.33
C VAL B 31 6.73 -32.57 13.09
N ARG B 32 5.69 -33.13 12.50
CA ARG B 32 4.37 -33.20 13.14
C ARG B 32 3.89 -34.64 13.20
N GLY B 33 4.84 -35.57 13.33
CA GLY B 33 4.55 -37.00 13.30
C GLY B 33 3.41 -37.47 14.19
N ASP B 34 3.40 -36.99 15.44
CA ASP B 34 2.42 -37.45 16.42
C ASP B 34 1.15 -36.59 16.43
N LYS B 35 1.01 -35.71 15.44
CA LYS B 35 -0.15 -34.82 15.37
C LYS B 35 -1.17 -35.33 14.36
N LEU B 36 -2.42 -34.94 14.56
CA LEU B 36 -3.52 -35.39 13.71
C LEU B 36 -3.42 -34.90 12.27
N ALA B 37 -3.47 -35.83 11.33
CA ALA B 37 -3.46 -35.51 9.91
C ALA B 37 -4.88 -35.43 9.38
N TYR B 38 -5.58 -36.56 9.41
CA TYR B 38 -6.97 -36.61 9.01
C TYR B 38 -7.84 -37.33 10.03
N ARG B 39 -9.06 -36.85 10.20
CA ARG B 39 -10.05 -37.52 11.03
C ARG B 39 -11.29 -37.81 10.20
N PHE B 40 -11.74 -39.06 10.21
CA PHE B 40 -12.96 -39.42 9.50
C PHE B 40 -14.11 -39.58 10.50
N LEU B 41 -15.12 -38.74 10.36
CA LEU B 41 -16.31 -38.82 11.19
C LEU B 41 -17.28 -39.82 10.60
N ASP B 42 -17.25 -41.03 11.15
CA ASP B 42 -18.02 -42.15 10.64
C ASP B 42 -19.41 -42.20 11.26
N PHE B 43 -20.43 -41.99 10.44
CA PHE B 43 -21.82 -42.02 10.90
C PHE B 43 -22.58 -43.24 10.36
N SER B 44 -21.86 -44.23 9.86
CA SER B 44 -22.48 -45.39 9.23
C SER B 44 -23.35 -46.20 10.19
N THR B 45 -22.79 -46.56 11.34
CA THR B 45 -23.54 -47.34 12.33
C THR B 45 -24.00 -46.47 13.49
N GLU B 46 -23.08 -45.73 14.09
CA GLU B 46 -23.40 -44.85 15.21
C GLU B 46 -23.89 -43.49 14.72
N ARG B 47 -25.06 -43.07 15.20
CA ARG B 47 -25.64 -41.80 14.80
C ARG B 47 -24.85 -40.61 15.35
N ASP B 48 -24.23 -40.81 16.50
CA ASP B 48 -23.45 -39.74 17.13
C ASP B 48 -22.10 -39.59 16.45
N GLY B 49 -21.64 -40.66 15.81
CA GLY B 49 -20.40 -40.63 15.06
C GLY B 49 -19.20 -41.26 15.75
N VAL B 50 -18.43 -42.02 15.00
CA VAL B 50 -17.20 -42.62 15.50
C VAL B 50 -16.00 -41.95 14.85
N GLU B 51 -15.09 -41.43 15.67
CA GLU B 51 -13.88 -40.77 15.18
C GLU B 51 -12.82 -41.78 14.73
N ARG B 52 -12.43 -41.70 13.47
CA ARG B 52 -11.34 -42.53 12.97
C ARG B 52 -10.16 -41.65 12.60
N ASP B 53 -9.12 -41.72 13.42
CA ASP B 53 -7.99 -40.82 13.31
C ASP B 53 -6.78 -41.46 12.63
N ILE B 54 -5.93 -40.63 12.04
CA ILE B 54 -4.63 -41.07 11.57
C ILE B 54 -3.63 -39.91 11.71
N LEU B 55 -2.47 -40.22 12.28
CA LEU B 55 -1.45 -39.21 12.50
C LEU B 55 -0.56 -39.12 11.27
N TRP B 56 0.18 -38.02 11.15
CA TRP B 56 1.04 -37.80 9.99
C TRP B 56 2.06 -38.93 9.81
N SER B 57 2.57 -39.46 10.92
CA SER B 57 3.49 -40.59 10.89
C SER B 57 2.82 -41.82 10.28
N GLU B 58 1.68 -42.19 10.85
CA GLU B 58 0.92 -43.34 10.38
C GLU B 58 0.50 -43.16 8.93
N PHE B 59 0.06 -41.94 8.61
CA PHE B 59 -0.42 -41.61 7.27
C PHE B 59 0.66 -41.80 6.22
N SER B 60 1.86 -41.32 6.50
CA SER B 60 3.00 -41.47 5.60
C SER B 60 3.33 -42.94 5.38
N ALA B 61 3.26 -43.72 6.45
CA ALA B 61 3.57 -45.14 6.41
C ALA B 61 2.60 -45.91 5.51
N ARG B 62 1.32 -45.58 5.61
CA ARG B 62 0.31 -46.19 4.75
C ARG B 62 0.53 -45.78 3.30
N ASN B 63 0.80 -44.50 3.08
CA ASN B 63 1.07 -43.97 1.74
C ASN B 63 2.28 -44.65 1.11
N ARG B 64 3.31 -44.86 1.91
CA ARG B 64 4.53 -45.51 1.46
C ARG B 64 4.33 -47.00 1.22
N ALA B 65 3.43 -47.61 2.00
CA ALA B 65 3.10 -49.03 1.83
C ALA B 65 2.36 -49.26 0.51
N VAL B 66 1.34 -48.44 0.25
CA VAL B 66 0.57 -48.53 -0.98
C VAL B 66 1.41 -48.14 -2.19
N GLY B 67 2.24 -47.12 -2.01
CA GLY B 67 3.11 -46.66 -3.07
C GLY B 67 4.07 -47.73 -3.52
N ALA B 68 4.62 -48.46 -2.55
CA ALA B 68 5.55 -49.54 -2.85
C ALA B 68 4.86 -50.68 -3.60
N ARG B 69 3.64 -50.98 -3.20
CA ARG B 69 2.85 -52.04 -3.83
C ARG B 69 2.51 -51.70 -5.28
N LEU B 70 2.24 -50.43 -5.54
CA LEU B 70 1.93 -50.01 -6.90
C LEU B 70 3.18 -50.04 -7.75
N GLN B 71 4.32 -49.72 -7.15
CA GLN B 71 5.59 -49.71 -7.87
C GLN B 71 6.06 -51.10 -8.29
N GLN B 72 5.57 -52.14 -7.62
CA GLN B 72 6.01 -53.49 -7.91
C GLN B 72 5.12 -54.15 -8.97
N VAL B 73 3.89 -53.69 -9.12
CA VAL B 73 2.95 -54.33 -10.04
C VAL B 73 2.43 -53.43 -11.17
N THR B 74 2.85 -52.16 -11.19
CA THR B 74 2.44 -51.27 -12.26
C THR B 74 3.62 -50.70 -13.04
N GLN B 75 3.34 -50.21 -14.24
CA GLN B 75 4.34 -49.56 -15.07
C GLN B 75 4.28 -48.05 -14.89
N PRO B 76 5.42 -47.36 -15.06
CA PRO B 76 5.40 -45.90 -15.00
C PRO B 76 4.42 -45.34 -16.03
N GLY B 77 3.60 -44.38 -15.63
CA GLY B 77 2.61 -43.82 -16.53
C GLY B 77 1.26 -44.51 -16.49
N ASP B 78 1.15 -45.57 -15.68
CA ASP B 78 -0.13 -46.23 -15.50
C ASP B 78 -1.10 -45.31 -14.77
N ARG B 79 -2.38 -45.47 -15.04
CA ARG B 79 -3.37 -44.72 -14.28
C ARG B 79 -3.97 -45.61 -13.19
N ILE B 80 -4.06 -45.05 -11.99
CA ILE B 80 -4.52 -45.77 -10.82
C ILE B 80 -5.88 -45.27 -10.39
N ALA B 81 -6.92 -46.00 -10.76
CA ALA B 81 -8.29 -45.59 -10.45
C ALA B 81 -8.62 -45.88 -9.00
N ILE B 82 -9.26 -44.93 -8.35
CA ILE B 82 -9.66 -45.09 -6.96
C ILE B 82 -11.17 -45.24 -6.85
N LEU B 83 -11.62 -46.50 -6.82
CA LEU B 83 -13.03 -46.80 -6.67
C LEU B 83 -13.29 -47.14 -5.22
N CYS B 84 -13.37 -46.08 -4.42
CA CYS B 84 -13.36 -46.18 -2.97
C CYS B 84 -14.41 -45.26 -2.36
N PRO B 85 -15.07 -45.72 -1.29
CA PRO B 85 -16.01 -44.84 -0.59
C PRO B 85 -15.25 -43.76 0.17
N GLN B 86 -15.96 -42.73 0.64
CA GLN B 86 -15.31 -41.65 1.35
C GLN B 86 -14.87 -42.09 2.77
N ASN B 87 -13.58 -42.29 2.94
CA ASN B 87 -13.00 -42.63 4.23
C ASN B 87 -11.49 -42.41 4.21
N LEU B 88 -10.78 -42.83 5.25
CA LEU B 88 -9.34 -42.64 5.32
C LEU B 88 -8.60 -43.35 4.19
N ASP B 89 -9.10 -44.51 3.78
CA ASP B 89 -8.45 -45.31 2.78
C ASP B 89 -8.56 -44.72 1.37
N TYR B 90 -9.50 -43.79 1.19
CA TYR B 90 -9.59 -43.07 -0.07
C TYR B 90 -8.37 -42.17 -0.19
N LEU B 91 -8.05 -41.47 0.89
CA LEU B 91 -6.93 -40.54 0.90
C LEU B 91 -5.61 -41.29 0.86
N ILE B 92 -5.57 -42.45 1.49
CA ILE B 92 -4.39 -43.31 1.43
C ILE B 92 -4.21 -43.84 0.00
N SER B 93 -5.32 -44.13 -0.67
CA SER B 93 -5.29 -44.55 -2.07
C SER B 93 -4.77 -43.44 -2.97
N PHE B 94 -5.31 -42.24 -2.81
CA PHE B 94 -4.91 -41.11 -3.63
C PHE B 94 -3.43 -40.79 -3.44
N PHE B 95 -3.03 -40.59 -2.19
CA PHE B 95 -1.64 -40.28 -1.90
C PHE B 95 -0.72 -41.45 -2.24
N GLY B 96 -1.16 -42.67 -1.93
CA GLY B 96 -0.41 -43.86 -2.29
C GLY B 96 -0.11 -43.89 -3.77
N ALA B 97 -1.11 -43.52 -4.57
CA ALA B 97 -0.94 -43.44 -6.01
C ALA B 97 0.09 -42.38 -6.38
N LEU B 98 0.04 -41.23 -5.69
CA LEU B 98 1.02 -40.17 -5.91
C LEU B 98 2.42 -40.61 -5.51
N TYR B 99 2.50 -41.27 -4.35
CA TYR B 99 3.77 -41.79 -3.84
C TYR B 99 4.44 -42.75 -4.81
N SER B 100 3.63 -43.54 -5.50
CA SER B 100 4.14 -44.55 -6.44
C SER B 100 4.75 -43.91 -7.68
N GLY B 101 4.37 -42.68 -7.96
CA GLY B 101 4.86 -41.98 -9.14
C GLY B 101 3.96 -42.17 -10.35
N ARG B 102 2.87 -42.91 -10.15
CA ARG B 102 1.89 -43.16 -11.20
C ARG B 102 0.82 -42.08 -11.23
N ILE B 103 -0.12 -42.20 -12.17
CA ILE B 103 -1.18 -41.21 -12.32
C ILE B 103 -2.45 -41.64 -11.60
N ALA B 104 -2.83 -40.89 -10.56
CA ALA B 104 -4.04 -41.19 -9.80
C ALA B 104 -5.30 -40.77 -10.55
N VAL B 105 -6.40 -41.47 -10.33
CA VAL B 105 -7.69 -41.07 -10.90
C VAL B 105 -8.78 -41.25 -9.85
N PRO B 106 -9.01 -40.21 -9.03
CA PRO B 106 -10.01 -40.27 -7.96
C PRO B 106 -11.42 -40.43 -8.50
N LEU B 107 -12.06 -41.55 -8.14
CA LEU B 107 -13.43 -41.82 -8.56
C LEU B 107 -14.29 -42.18 -7.36
N PHE B 108 -15.19 -43.14 -7.52
CA PHE B 108 -16.11 -43.48 -6.45
C PHE B 108 -16.41 -44.97 -6.41
N ASP B 109 -17.14 -45.39 -5.38
CA ASP B 109 -17.53 -46.79 -5.22
C ASP B 109 -18.66 -47.11 -6.19
N PRO B 110 -18.46 -48.14 -7.02
CA PRO B 110 -19.50 -48.55 -7.97
C PRO B 110 -20.78 -49.04 -7.28
N ALA B 111 -20.65 -49.52 -6.05
CA ALA B 111 -21.79 -50.03 -5.30
C ALA B 111 -22.66 -48.92 -4.71
N GLU B 112 -22.29 -47.67 -4.99
CA GLU B 112 -23.01 -46.53 -4.45
C GLU B 112 -23.56 -45.62 -5.56
N HIS B 115 -23.93 -43.92 -10.27
CA HIS B 115 -24.21 -44.18 -11.68
C HIS B 115 -23.05 -45.03 -12.19
N VAL B 116 -23.34 -46.27 -12.61
CA VAL B 116 -22.29 -47.21 -13.01
C VAL B 116 -21.70 -47.04 -14.42
N GLY B 117 -22.49 -46.50 -15.34
CA GLY B 117 -22.06 -46.29 -16.72
C GLY B 117 -20.94 -45.27 -16.89
N ARG B 118 -21.06 -44.16 -16.17
CA ARG B 118 -20.07 -43.10 -16.18
C ARG B 118 -18.73 -43.64 -15.72
N LEU B 119 -18.76 -44.47 -14.69
CA LEU B 119 -17.57 -45.08 -14.15
C LEU B 119 -16.96 -45.97 -15.22
N HIS B 120 -17.82 -46.62 -16.01
CA HIS B 120 -17.38 -47.40 -17.15
C HIS B 120 -16.78 -46.51 -18.23
N ALA B 121 -17.43 -45.36 -18.46
CA ALA B 121 -17.01 -44.43 -19.51
C ALA B 121 -15.65 -43.83 -19.18
N VAL B 122 -15.45 -43.46 -17.92
CA VAL B 122 -14.17 -42.90 -17.48
C VAL B 122 -13.07 -43.94 -17.58
N LEU B 123 -13.40 -45.17 -17.19
CA LEU B 123 -12.46 -46.28 -17.28
C LEU B 123 -12.09 -46.59 -18.73
N ASP B 124 -13.06 -46.45 -19.63
CA ASP B 124 -12.78 -46.61 -21.06
C ASP B 124 -11.84 -45.50 -21.52
N ASP B 125 -12.01 -44.33 -20.92
CA ASP B 125 -11.32 -43.13 -21.35
C ASP B 125 -9.86 -43.11 -20.92
N CYS B 126 -9.58 -43.56 -19.70
CA CYS B 126 -8.21 -43.53 -19.19
C CYS B 126 -7.59 -44.92 -18.99
N THR B 127 -8.36 -45.97 -19.26
CA THR B 127 -7.87 -47.35 -19.19
C THR B 127 -6.88 -47.64 -18.07
N PRO B 128 -7.33 -47.56 -16.81
CA PRO B 128 -6.42 -47.81 -15.69
C PRO B 128 -5.93 -49.25 -15.64
N SER B 129 -4.68 -49.45 -15.23
CA SER B 129 -4.14 -50.78 -15.06
C SER B 129 -4.52 -51.34 -13.70
N THR B 130 -4.75 -50.44 -12.75
CA THR B 130 -4.97 -50.83 -11.37
C THR B 130 -6.12 -50.07 -10.73
N ILE B 131 -6.85 -50.75 -9.86
CA ILE B 131 -7.94 -50.12 -9.10
C ILE B 131 -7.69 -50.23 -7.61
N LEU B 132 -7.78 -49.09 -6.92
CA LEU B 132 -7.63 -49.07 -5.47
C LEU B 132 -8.99 -49.00 -4.80
N THR B 133 -9.19 -49.85 -3.80
CA THR B 133 -10.44 -49.86 -3.05
C THR B 133 -10.18 -50.38 -1.64
N THR B 134 -11.23 -50.65 -0.89
CA THR B 134 -11.09 -51.24 0.44
C THR B 134 -11.49 -52.70 0.40
N THR B 135 -11.13 -53.43 1.44
CA THR B 135 -11.50 -54.83 1.57
C THR B 135 -13.01 -54.97 1.52
N ASP B 136 -13.69 -54.08 2.23
CA ASP B 136 -15.14 -54.12 2.36
C ASP B 136 -15.86 -53.79 1.05
N SER B 137 -15.23 -53.00 0.19
CA SER B 137 -15.81 -52.63 -1.10
C SER B 137 -15.25 -53.46 -2.25
N ALA B 138 -14.31 -54.35 -1.95
CA ALA B 138 -13.59 -55.10 -2.97
C ALA B 138 -14.52 -55.97 -3.83
N GLU B 139 -15.46 -56.66 -3.20
CA GLU B 139 -16.35 -57.56 -3.93
C GLU B 139 -17.24 -56.82 -4.90
N GLY B 140 -17.70 -55.63 -4.52
CA GLY B 140 -18.54 -54.82 -5.38
C GLY B 140 -17.80 -54.29 -6.58
N VAL B 141 -16.52 -53.99 -6.39
CA VAL B 141 -15.65 -53.53 -7.46
C VAL B 141 -15.40 -54.66 -8.45
N ARG B 142 -15.17 -55.86 -7.93
CA ARG B 142 -14.97 -57.02 -8.80
C ARG B 142 -16.19 -57.31 -9.67
N LYS B 143 -17.39 -57.18 -9.11
CA LYS B 143 -18.61 -57.32 -9.91
C LYS B 143 -18.74 -56.25 -10.98
N PHE B 144 -18.39 -55.02 -10.63
CA PHE B 144 -18.39 -53.93 -11.59
C PHE B 144 -17.39 -54.21 -12.71
N ILE B 145 -16.23 -54.75 -12.33
CA ILE B 145 -15.17 -55.00 -13.29
C ILE B 145 -15.50 -56.19 -14.17
N ARG B 146 -16.23 -57.18 -13.63
CA ARG B 146 -16.55 -58.37 -14.42
C ARG B 146 -17.53 -58.08 -15.56
N SER B 147 -18.21 -56.93 -15.51
CA SER B 147 -19.06 -56.52 -16.61
C SER B 147 -18.26 -55.87 -17.74
N ARG B 148 -16.96 -55.71 -17.51
CA ARG B 148 -16.06 -55.19 -18.54
C ARG B 148 -15.40 -56.38 -19.24
N SER B 149 -14.85 -56.15 -20.43
CA SER B 149 -14.26 -57.25 -21.21
C SER B 149 -13.14 -57.93 -20.43
N ALA B 150 -12.78 -59.13 -20.84
CA ALA B 150 -11.77 -59.87 -20.11
C ALA B 150 -10.38 -59.48 -20.60
N LYS B 151 -10.34 -58.88 -21.78
CA LYS B 151 -9.12 -58.31 -22.38
C LYS B 151 -8.28 -57.59 -21.33
N GLU B 152 -8.52 -56.30 -21.15
CA GLU B 152 -7.82 -55.61 -20.08
C GLU B 152 -8.79 -55.28 -18.96
N ARG B 153 -8.61 -56.05 -17.90
CA ARG B 153 -9.34 -55.94 -16.66
C ARG B 153 -8.39 -55.52 -15.56
N PRO B 154 -8.52 -54.29 -15.06
CA PRO B 154 -7.54 -53.76 -14.11
C PRO B 154 -7.44 -54.60 -12.83
N ARG B 155 -6.25 -54.74 -12.27
CA ARG B 155 -6.08 -55.51 -11.05
C ARG B 155 -6.77 -54.74 -9.92
N VAL B 156 -7.29 -55.47 -8.94
CA VAL B 156 -7.98 -54.82 -7.82
C VAL B 156 -7.16 -54.97 -6.55
N ILE B 157 -6.92 -53.85 -5.87
CA ILE B 157 -6.15 -53.86 -4.64
C ILE B 157 -6.89 -53.22 -3.47
N ALA B 158 -7.09 -54.01 -2.41
CA ALA B 158 -7.61 -53.49 -1.17
C ALA B 158 -6.46 -52.89 -0.37
N VAL B 159 -6.40 -51.56 -0.35
CA VAL B 159 -5.28 -50.85 0.24
C VAL B 159 -5.18 -51.05 1.76
N ASP B 160 -6.32 -51.19 2.43
CA ASP B 160 -6.32 -51.38 3.87
C ASP B 160 -5.76 -52.74 4.26
N ALA B 161 -5.68 -53.66 3.29
CA ALA B 161 -5.16 -55.00 3.55
C ALA B 161 -3.66 -55.08 3.28
N VAL B 162 -3.10 -54.02 2.67
CA VAL B 162 -1.67 -53.98 2.41
C VAL B 162 -0.91 -53.66 3.70
N PRO B 163 -0.05 -54.58 4.13
CA PRO B 163 0.71 -54.42 5.38
C PRO B 163 1.63 -53.21 5.33
N THR B 164 1.71 -52.48 6.44
CA THR B 164 2.56 -51.30 6.54
C THR B 164 4.03 -51.67 6.30
N GLU B 165 4.36 -52.93 6.58
CA GLU B 165 5.72 -53.43 6.40
C GLU B 165 6.18 -53.26 4.95
N VAL B 166 5.24 -53.34 4.02
CA VAL B 166 5.54 -53.20 2.60
C VAL B 166 6.21 -51.85 2.29
N ALA B 167 5.94 -50.85 3.14
CA ALA B 167 6.49 -49.50 2.97
C ALA B 167 8.02 -49.45 2.89
N SER B 168 8.68 -50.46 3.44
CA SER B 168 10.14 -50.52 3.46
C SER B 168 10.76 -50.56 2.06
N THR B 169 10.02 -51.06 1.08
CA THR B 169 10.53 -51.19 -0.29
C THR B 169 10.18 -49.98 -1.15
N TRP B 170 9.60 -48.95 -0.54
CA TRP B 170 9.19 -47.75 -1.28
C TRP B 170 10.38 -46.97 -1.85
N GLN B 171 10.20 -46.50 -3.09
CA GLN B 171 11.20 -45.69 -3.78
C GLN B 171 10.62 -44.31 -4.06
N GLN B 172 11.26 -43.27 -3.52
CA GLN B 172 10.80 -41.90 -3.75
C GLN B 172 10.93 -41.58 -5.23
N PRO B 173 9.80 -41.20 -5.87
CA PRO B 173 9.82 -40.94 -7.30
C PRO B 173 10.33 -39.53 -7.64
N GLU B 174 10.82 -39.36 -8.86
CA GLU B 174 11.31 -38.07 -9.32
C GLU B 174 10.18 -37.05 -9.33
N ALA B 175 8.98 -37.53 -9.67
CA ALA B 175 7.75 -36.74 -9.69
C ALA B 175 7.97 -35.36 -10.27
N ASN B 176 8.48 -35.32 -11.50
CA ASN B 176 8.76 -34.07 -12.20
C ASN B 176 7.55 -33.14 -12.15
N GLU B 177 7.82 -31.85 -11.98
CA GLU B 177 6.77 -30.85 -11.80
C GLU B 177 5.79 -30.82 -12.97
N LEU B 178 6.30 -30.98 -14.19
CA LEU B 178 5.47 -30.86 -15.38
C LEU B 178 4.74 -32.17 -15.73
N THR B 179 5.01 -33.24 -14.99
CA THR B 179 4.33 -34.51 -15.21
C THR B 179 2.99 -34.58 -14.48
N THR B 180 2.06 -35.34 -15.05
CA THR B 180 0.72 -35.47 -14.51
C THR B 180 0.70 -36.19 -13.16
N ALA B 181 0.11 -35.54 -12.15
CA ALA B 181 -0.03 -36.14 -10.84
C ALA B 181 -1.30 -37.00 -10.79
N TYR B 182 -2.39 -36.46 -11.33
CA TYR B 182 -3.65 -37.19 -11.37
C TYR B 182 -4.60 -36.63 -12.42
N LEU B 183 -5.65 -37.38 -12.71
CA LEU B 183 -6.68 -36.95 -13.64
C LEU B 183 -7.94 -36.54 -12.90
N GLN B 184 -8.39 -35.32 -13.13
CA GLN B 184 -9.61 -34.82 -12.51
C GLN B 184 -10.78 -34.85 -13.49
N TYR B 185 -11.62 -35.88 -13.39
CA TYR B 185 -12.79 -35.98 -14.27
C TYR B 185 -13.92 -35.11 -13.75
N THR B 186 -14.58 -34.40 -14.66
CA THR B 186 -15.64 -33.46 -14.32
C THR B 186 -17.02 -34.10 -14.46
N VAL B 192 -19.52 -37.38 -23.12
CA VAL B 192 -18.20 -37.97 -23.02
C VAL B 192 -17.45 -37.39 -21.83
N PRO B 193 -16.77 -38.25 -21.05
CA PRO B 193 -16.07 -37.75 -19.86
C PRO B 193 -14.72 -37.13 -20.20
N SER B 194 -14.41 -36.00 -19.56
CA SER B 194 -13.14 -35.31 -19.76
C SER B 194 -12.32 -35.28 -18.48
N GLY B 195 -11.08 -35.71 -18.57
CA GLY B 195 -10.20 -35.75 -17.42
C GLY B 195 -9.10 -34.71 -17.48
N VAL B 196 -9.19 -33.69 -16.64
CA VAL B 196 -8.19 -32.63 -16.61
C VAL B 196 -6.87 -33.16 -16.07
N GLN B 197 -5.79 -32.94 -16.81
CA GLN B 197 -4.47 -33.38 -16.37
C GLN B 197 -3.86 -32.38 -15.39
N ILE B 198 -3.88 -32.74 -14.11
CA ILE B 198 -3.30 -31.91 -13.07
C ILE B 198 -1.89 -32.39 -12.75
N THR B 199 -0.92 -31.49 -12.85
CA THR B 199 0.47 -31.86 -12.68
C THR B 199 0.91 -31.84 -11.22
N HIS B 200 2.12 -32.31 -10.97
CA HIS B 200 2.70 -32.32 -9.64
C HIS B 200 3.07 -30.91 -9.17
N LEU B 201 3.07 -29.95 -10.08
CA LEU B 201 3.29 -28.56 -9.72
C LEU B 201 1.96 -27.86 -9.44
N ASN B 202 0.96 -28.15 -10.26
CA ASN B 202 -0.38 -27.58 -10.08
C ASN B 202 -0.90 -27.73 -8.66
N LEU B 203 -0.69 -28.92 -8.11
CA LEU B 203 -1.32 -29.30 -6.85
C LEU B 203 -0.79 -28.49 -5.65
N PRO B 204 0.53 -28.53 -5.38
CA PRO B 204 0.98 -27.70 -4.26
C PRO B 204 0.83 -26.20 -4.53
N THR B 205 0.87 -25.81 -5.80
CA THR B 205 0.68 -24.40 -6.16
C THR B 205 -0.69 -23.92 -5.73
N ASN B 206 -1.73 -24.63 -6.16
CA ASN B 206 -3.11 -24.21 -5.90
C ASN B 206 -3.48 -24.34 -4.43
N VAL B 207 -2.95 -25.36 -3.75
CA VAL B 207 -3.22 -25.53 -2.33
C VAL B 207 -2.59 -24.38 -1.55
N LEU B 208 -1.44 -23.90 -2.03
CA LEU B 208 -0.77 -22.77 -1.41
C LEU B 208 -1.55 -21.47 -1.69
N GLN B 209 -2.12 -21.38 -2.90
CA GLN B 209 -2.92 -20.22 -3.27
C GLN B 209 -4.16 -20.10 -2.39
N VAL B 210 -4.79 -21.23 -2.08
CA VAL B 210 -5.94 -21.26 -1.19
C VAL B 210 -5.54 -20.81 0.22
N LEU B 211 -4.47 -21.41 0.72
CA LEU B 211 -4.00 -21.15 2.07
C LEU B 211 -3.60 -19.70 2.26
N ASN B 212 -3.03 -19.11 1.21
CA ASN B 212 -2.62 -17.70 1.24
C ASN B 212 -3.83 -16.76 1.28
N ALA B 213 -4.87 -17.09 0.54
CA ALA B 213 -6.08 -16.29 0.50
C ALA B 213 -6.86 -16.40 1.82
N LEU B 214 -6.73 -17.56 2.47
CA LEU B 214 -7.42 -17.80 3.74
C LEU B 214 -6.67 -17.16 4.89
N GLU B 215 -5.39 -16.88 4.68
CA GLU B 215 -4.50 -16.41 5.73
C GLU B 215 -4.48 -17.41 6.88
N GLY B 216 -4.36 -18.69 6.53
CA GLY B 216 -4.37 -19.76 7.52
C GLY B 216 -3.21 -19.70 8.49
N GLN B 217 -3.56 -19.69 9.78
CA GLN B 217 -2.56 -19.68 10.85
C GLN B 217 -2.18 -21.09 11.24
N GLU B 218 -1.27 -21.22 12.19
CA GLU B 218 -0.75 -22.53 12.58
C GLU B 218 -1.79 -23.39 13.30
N GLY B 219 -2.56 -22.76 14.18
CA GLY B 219 -3.54 -23.49 14.97
C GLY B 219 -4.88 -23.71 14.29
N ASP B 220 -4.97 -23.34 13.02
CA ASP B 220 -6.24 -23.48 12.31
C ASP B 220 -6.46 -24.93 11.86
N ARG B 221 -7.70 -25.27 11.52
CA ARG B 221 -8.02 -26.61 11.04
C ARG B 221 -9.17 -26.57 10.04
N GLY B 222 -9.34 -27.65 9.30
CA GLY B 222 -10.38 -27.70 8.29
C GLY B 222 -11.40 -28.79 8.53
N VAL B 223 -12.62 -28.57 8.06
CA VAL B 223 -13.69 -29.57 8.11
C VAL B 223 -14.42 -29.59 6.76
N SER B 224 -14.77 -30.78 6.30
CA SER B 224 -15.40 -30.93 4.99
C SER B 224 -16.35 -32.13 4.92
N TRP B 225 -17.34 -32.06 4.04
CA TRP B 225 -18.20 -33.20 3.76
C TRP B 225 -18.25 -33.45 2.26
N LEU B 226 -17.61 -32.55 1.51
CA LEU B 226 -17.61 -32.60 0.05
C LEU B 226 -16.97 -33.90 -0.45
N PRO B 227 -17.55 -34.49 -1.52
CA PRO B 227 -17.07 -35.75 -2.08
C PRO B 227 -15.68 -35.65 -2.70
N PHE B 228 -14.82 -36.62 -2.40
CA PHE B 228 -13.44 -36.62 -2.86
C PHE B 228 -13.31 -36.74 -4.39
N PHE B 229 -14.33 -37.27 -5.06
CA PHE B 229 -14.30 -37.43 -6.51
C PHE B 229 -14.64 -36.13 -7.22
N HIS B 230 -14.95 -35.10 -6.44
CA HIS B 230 -15.20 -33.77 -6.96
C HIS B 230 -13.99 -32.91 -6.67
N ASP B 231 -13.65 -31.99 -7.59
CA ASP B 231 -12.44 -31.20 -7.42
C ASP B 231 -12.46 -30.36 -6.14
N MET B 232 -13.63 -29.81 -5.80
CA MET B 232 -13.75 -29.01 -4.59
C MET B 232 -13.57 -29.87 -3.34
N GLY B 233 -14.01 -31.12 -3.41
CA GLY B 233 -13.87 -32.03 -2.29
C GLY B 233 -12.45 -32.51 -2.09
N LEU B 234 -11.77 -32.76 -3.20
CA LEU B 234 -10.39 -33.25 -3.17
C LEU B 234 -9.41 -32.19 -2.65
N ILE B 235 -9.43 -31.03 -3.28
CA ILE B 235 -8.45 -29.99 -2.96
C ILE B 235 -8.65 -29.44 -1.55
N THR B 236 -9.90 -29.37 -1.12
CA THR B 236 -10.21 -28.92 0.23
C THR B 236 -9.48 -29.77 1.28
N VAL B 237 -9.56 -31.10 1.18
CA VAL B 237 -8.87 -31.94 2.16
C VAL B 237 -7.37 -32.03 1.90
N LEU B 238 -6.95 -31.85 0.64
CA LEU B 238 -5.52 -31.85 0.33
C LEU B 238 -4.84 -30.61 0.89
N LEU B 239 -5.65 -29.61 1.23
CA LEU B 239 -5.15 -28.38 1.86
C LEU B 239 -4.37 -28.67 3.13
N ALA B 240 -4.67 -29.80 3.76
CA ALA B 240 -4.02 -30.22 5.01
C ALA B 240 -2.51 -30.42 4.85
N SER B 241 -2.06 -30.72 3.64
CA SER B 241 -0.66 -31.06 3.39
C SER B 241 0.25 -29.84 3.26
N VAL B 242 -0.33 -28.65 3.11
CA VAL B 242 0.47 -27.45 2.89
C VAL B 242 1.14 -26.96 4.18
N LEU B 243 0.34 -26.82 5.23
CA LEU B 243 0.86 -26.27 6.48
C LEU B 243 0.67 -27.25 7.66
N GLY B 244 0.26 -28.47 7.35
CA GLY B 244 0.13 -29.51 8.36
C GLY B 244 -1.07 -29.39 9.29
N HIS B 245 -2.11 -28.72 8.80
CA HIS B 245 -3.36 -28.60 9.54
C HIS B 245 -4.06 -29.95 9.55
N SER B 246 -4.76 -30.28 10.64
CA SER B 246 -5.63 -31.45 10.60
C SER B 246 -6.85 -31.06 9.79
N PHE B 247 -7.49 -32.05 9.16
CA PHE B 247 -8.75 -31.81 8.48
C PHE B 247 -9.69 -32.94 8.84
N THR B 248 -10.90 -32.59 9.25
CA THR B 248 -11.89 -33.57 9.67
C THR B 248 -13.01 -33.65 8.65
N PHE B 249 -13.27 -34.85 8.15
CA PHE B 249 -14.28 -34.99 7.11
C PHE B 249 -15.31 -36.07 7.42
N MET B 250 -16.44 -35.96 6.75
CA MET B 250 -17.52 -36.93 6.82
C MET B 250 -17.97 -37.23 5.40
N THR B 251 -18.95 -38.11 5.22
CA THR B 251 -19.46 -38.42 3.89
C THR B 251 -20.51 -37.37 3.49
N PRO B 252 -20.67 -37.15 2.18
CA PRO B 252 -21.74 -36.26 1.70
C PRO B 252 -23.11 -36.68 2.23
N ALA B 253 -23.35 -37.98 2.22
CA ALA B 253 -24.62 -38.54 2.66
C ALA B 253 -24.91 -38.20 4.11
N ALA B 254 -23.88 -38.25 4.96
CA ALA B 254 -24.02 -37.92 6.37
C ALA B 254 -24.44 -36.47 6.54
N PHE B 255 -23.88 -35.60 5.71
CA PHE B 255 -24.22 -34.18 5.75
C PHE B 255 -25.64 -33.93 5.27
N VAL B 256 -26.04 -34.61 4.20
CA VAL B 256 -27.36 -34.41 3.63
C VAL B 256 -28.45 -34.83 4.61
N ARG B 257 -28.20 -35.91 5.33
CA ARG B 257 -29.18 -36.45 6.26
C ARG B 257 -29.27 -35.58 7.52
N ARG B 258 -28.12 -35.11 8.00
CA ARG B 258 -28.10 -34.25 9.18
C ARG B 258 -27.09 -33.12 9.00
N PRO B 259 -27.50 -32.03 8.34
CA PRO B 259 -26.61 -30.91 8.00
C PRO B 259 -25.98 -30.26 9.23
N GLY B 260 -26.62 -30.41 10.39
CA GLY B 260 -26.08 -29.88 11.62
C GLY B 260 -24.74 -30.49 11.99
N ARG B 261 -24.49 -31.71 11.51
CA ARG B 261 -23.20 -32.37 11.72
C ARG B 261 -22.04 -31.52 11.22
N TRP B 262 -22.25 -30.91 10.06
CA TRP B 262 -21.27 -30.01 9.46
C TRP B 262 -21.03 -28.79 10.35
N ILE B 263 -22.13 -28.18 10.79
CA ILE B 263 -22.08 -27.01 11.68
C ILE B 263 -21.43 -27.36 13.01
N ARG B 264 -21.79 -28.53 13.54
CA ARG B 264 -21.25 -28.99 14.83
C ARG B 264 -19.74 -29.15 14.78
N GLU B 265 -19.25 -29.82 13.74
CA GLU B 265 -17.83 -30.09 13.61
C GLU B 265 -17.04 -28.80 13.35
N LEU B 266 -17.70 -27.81 12.76
CA LEU B 266 -17.08 -26.52 12.50
C LEU B 266 -16.88 -25.75 13.81
N ALA B 267 -17.76 -26.00 14.77
CA ALA B 267 -17.81 -25.24 16.01
C ALA B 267 -16.59 -25.47 16.91
N ARG B 268 -16.33 -24.49 17.78
CA ARG B 268 -15.21 -24.54 18.70
C ARG B 268 -15.35 -25.68 19.72
N LYS B 269 -14.37 -26.58 19.74
CA LYS B 269 -14.31 -27.63 20.75
C LYS B 269 -13.69 -27.08 22.03
N PRO B 270 -13.81 -27.81 23.15
CA PRO B 270 -13.20 -27.32 24.39
C PRO B 270 -11.69 -27.13 24.26
N GLY B 271 -11.22 -25.95 24.66
CA GLY B 271 -9.80 -25.65 24.64
C GLY B 271 -9.29 -25.11 23.31
N GLU B 272 -10.12 -25.20 22.28
CA GLU B 272 -9.73 -24.77 20.93
C GLU B 272 -9.59 -23.26 20.81
N THR B 273 -8.42 -22.81 20.36
CA THR B 273 -8.15 -21.39 20.23
C THR B 273 -7.95 -20.97 18.77
N GLY B 274 -7.77 -21.96 17.90
CA GLY B 274 -7.58 -21.71 16.49
C GLY B 274 -8.90 -21.54 15.75
N GLY B 275 -8.82 -21.30 14.46
CA GLY B 275 -10.00 -21.10 13.65
C GLY B 275 -10.26 -22.26 12.71
N THR B 276 -11.49 -22.35 12.19
CA THR B 276 -11.83 -23.42 11.27
C THR B 276 -12.09 -22.87 9.87
N PHE B 277 -11.80 -23.70 8.87
CA PHE B 277 -12.05 -23.35 7.47
C PHE B 277 -12.84 -24.48 6.81
N SER B 278 -13.69 -24.12 5.86
CA SER B 278 -14.45 -25.12 5.11
C SER B 278 -14.90 -24.58 3.76
N ALA B 279 -15.52 -25.44 2.95
CA ALA B 279 -16.04 -25.05 1.66
C ALA B 279 -17.35 -25.79 1.38
N ALA B 280 -18.19 -25.21 0.54
CA ALA B 280 -19.48 -25.82 0.22
C ALA B 280 -20.12 -25.16 -0.99
N PRO B 281 -20.94 -25.92 -1.74
CA PRO B 281 -21.76 -25.34 -2.80
C PRO B 281 -22.96 -24.58 -2.24
N ASN B 282 -23.51 -23.67 -3.03
CA ASN B 282 -24.61 -22.82 -2.60
C ASN B 282 -25.81 -23.56 -2.00
N PHE B 283 -26.17 -24.71 -2.57
CA PHE B 283 -27.37 -25.40 -2.13
C PHE B 283 -27.24 -25.92 -0.70
N ALA B 284 -26.00 -26.10 -0.26
CA ALA B 284 -25.73 -26.60 1.09
C ALA B 284 -25.99 -25.54 2.14
N PHE B 285 -25.79 -24.28 1.78
CA PHE B 285 -26.06 -23.16 2.67
C PHE B 285 -27.57 -23.01 2.90
N GLU B 286 -28.35 -23.26 1.85
CA GLU B 286 -29.80 -23.26 1.96
C GLU B 286 -30.24 -24.41 2.86
N HIS B 287 -29.61 -25.56 2.67
CA HIS B 287 -29.94 -26.78 3.40
C HIS B 287 -29.57 -26.66 4.88
N ALA B 288 -28.36 -26.19 5.14
CA ALA B 288 -27.89 -26.05 6.51
C ALA B 288 -28.67 -24.96 7.25
N ALA B 289 -29.10 -23.94 6.53
CA ALA B 289 -29.87 -22.86 7.15
C ALA B 289 -31.24 -23.34 7.62
N MET B 290 -31.85 -24.25 6.87
CA MET B 290 -33.20 -24.71 7.20
C MET B 290 -33.22 -25.87 8.18
N ARG B 291 -32.21 -26.73 8.13
CA ARG B 291 -32.22 -27.96 8.91
C ARG B 291 -30.97 -28.22 9.75
N GLY B 292 -30.03 -27.28 9.74
CA GLY B 292 -28.77 -27.47 10.44
C GLY B 292 -28.68 -26.71 11.76
N VAL B 293 -29.73 -25.96 12.10
CA VAL B 293 -29.76 -25.22 13.35
C VAL B 293 -29.95 -26.19 14.52
N PRO B 294 -29.10 -26.07 15.56
CA PRO B 294 -29.22 -27.01 16.66
C PRO B 294 -30.51 -26.84 17.43
N ARG B 295 -31.08 -27.95 17.90
CA ARG B 295 -32.28 -27.90 18.71
C ARG B 295 -31.92 -27.39 20.10
N ASP B 296 -32.92 -26.91 20.82
CA ASP B 296 -32.70 -26.30 22.14
C ASP B 296 -32.18 -27.28 23.18
N ASP B 297 -32.39 -28.56 22.96
CA ASP B 297 -31.92 -29.58 23.90
C ASP B 297 -30.53 -30.13 23.53
N GLU B 298 -29.90 -29.51 22.53
CA GLU B 298 -28.55 -29.87 22.12
C GLU B 298 -27.51 -29.05 22.90
N PRO B 299 -26.25 -29.52 22.95
CA PRO B 299 -25.24 -28.77 23.70
C PRO B 299 -24.97 -27.39 23.10
N PRO B 300 -24.40 -26.48 23.90
CA PRO B 300 -24.06 -25.14 23.41
C PRO B 300 -23.20 -25.19 22.15
N LEU B 301 -23.47 -24.30 21.20
CA LEU B 301 -22.75 -24.27 19.93
C LEU B 301 -22.07 -22.93 19.73
N ASP B 302 -20.75 -22.95 19.60
CA ASP B 302 -19.95 -21.75 19.46
C ASP B 302 -19.27 -21.70 18.08
N LEU B 303 -19.78 -20.85 17.19
CA LEU B 303 -19.23 -20.75 15.84
C LEU B 303 -18.30 -19.55 15.66
N SER B 304 -17.91 -18.92 16.77
CA SER B 304 -17.05 -17.74 16.71
C SER B 304 -15.63 -18.07 16.26
N ASN B 305 -15.32 -19.35 16.16
CA ASN B 305 -14.01 -19.79 15.71
C ASN B 305 -13.93 -19.90 14.20
N VAL B 306 -15.08 -19.99 13.54
CA VAL B 306 -15.12 -20.15 12.10
C VAL B 306 -14.57 -18.91 11.40
N LYS B 307 -13.49 -19.10 10.65
CA LYS B 307 -12.85 -17.99 9.96
C LYS B 307 -13.40 -17.83 8.55
N GLY B 308 -13.51 -18.94 7.83
CA GLY B 308 -13.96 -18.89 6.45
C GLY B 308 -14.67 -20.12 5.96
N ILE B 309 -15.88 -19.92 5.43
CA ILE B 309 -16.60 -20.97 4.73
C ILE B 309 -16.77 -20.56 3.27
N LEU B 310 -15.98 -21.16 2.38
CA LEU B 310 -15.99 -20.75 0.98
C LEU B 310 -17.22 -21.28 0.25
N ASN B 311 -17.85 -20.41 -0.52
CA ASN B 311 -19.09 -20.71 -1.19
C ASN B 311 -18.91 -20.63 -2.71
N GLY B 312 -18.86 -21.78 -3.37
CA GLY B 312 -18.59 -21.82 -4.80
C GLY B 312 -19.05 -23.08 -5.49
N SER B 313 -18.75 -23.16 -6.80
CA SER B 313 -19.08 -24.26 -7.72
C SER B 313 -20.43 -24.05 -8.38
N GLU B 314 -21.23 -23.12 -7.88
CA GLU B 314 -22.49 -22.75 -8.52
C GLU B 314 -22.83 -21.29 -8.18
N PRO B 315 -23.76 -20.68 -8.95
CA PRO B 315 -24.18 -19.30 -8.63
C PRO B 315 -24.63 -19.15 -7.18
N VAL B 316 -24.10 -18.14 -6.50
CA VAL B 316 -24.39 -17.91 -5.09
C VAL B 316 -25.71 -17.14 -4.92
N SER B 317 -26.63 -17.73 -4.15
CA SER B 317 -27.88 -17.07 -3.83
C SER B 317 -27.69 -16.12 -2.66
N PRO B 318 -27.96 -14.83 -2.87
CA PRO B 318 -27.88 -13.84 -1.79
C PRO B 318 -28.85 -14.18 -0.66
N ALA B 319 -29.98 -14.77 -1.04
CA ALA B 319 -31.03 -15.14 -0.09
C ALA B 319 -30.58 -16.29 0.81
N SER B 320 -30.02 -17.34 0.20
CA SER B 320 -29.52 -18.47 0.97
C SER B 320 -28.35 -18.03 1.84
N MET B 321 -27.63 -17.02 1.36
CA MET B 321 -26.51 -16.47 2.11
C MET B 321 -27.01 -15.68 3.32
N ARG B 322 -28.07 -14.91 3.13
CA ARG B 322 -28.68 -14.16 4.22
C ARG B 322 -29.30 -15.11 5.24
N LYS B 323 -30.06 -16.08 4.74
CA LYS B 323 -30.69 -17.08 5.58
C LYS B 323 -29.66 -17.82 6.42
N PHE B 324 -28.53 -18.15 5.81
CA PHE B 324 -27.48 -18.90 6.48
C PHE B 324 -26.88 -18.11 7.63
N PHE B 325 -26.53 -16.85 7.38
CA PHE B 325 -25.95 -16.01 8.44
C PHE B 325 -26.96 -15.76 9.55
N LYS B 326 -28.20 -15.48 9.17
CA LYS B 326 -29.25 -15.22 10.16
C LYS B 326 -29.45 -16.45 11.05
N ALA B 327 -29.34 -17.63 10.47
CA ALA B 327 -29.57 -18.87 11.19
C ALA B 327 -28.49 -19.16 12.22
N PHE B 328 -27.24 -18.83 11.88
CA PHE B 328 -26.12 -19.23 12.71
C PHE B 328 -25.39 -18.06 13.40
N GLU B 329 -25.82 -16.84 13.14
CA GLU B 329 -25.37 -15.68 13.90
C GLU B 329 -25.59 -15.86 15.43
N PRO B 330 -26.77 -16.38 15.85
CA PRO B 330 -26.94 -16.51 17.30
C PRO B 330 -25.93 -17.44 17.98
N TYR B 331 -25.17 -18.20 17.19
CA TYR B 331 -24.18 -19.12 17.73
C TYR B 331 -22.76 -18.62 17.53
N GLY B 332 -22.63 -17.35 17.13
CA GLY B 332 -21.34 -16.70 17.05
C GLY B 332 -20.73 -16.59 15.65
N LEU B 333 -21.46 -17.02 14.63
CA LEU B 333 -20.95 -16.92 13.27
C LEU B 333 -20.82 -15.45 12.86
N ARG B 334 -19.62 -15.06 12.44
CA ARG B 334 -19.37 -13.68 12.03
C ARG B 334 -19.85 -13.45 10.60
N GLU B 335 -20.25 -12.22 10.30
CA GLU B 335 -20.74 -11.88 8.97
C GLU B 335 -19.63 -11.94 7.93
N THR B 336 -18.39 -12.02 8.42
CA THR B 336 -17.22 -12.15 7.55
C THR B 336 -16.77 -13.60 7.44
N ALA B 337 -17.68 -14.55 7.59
CA ALA B 337 -17.31 -15.96 7.56
C ALA B 337 -17.57 -16.58 6.19
N VAL B 338 -18.73 -16.29 5.61
CA VAL B 338 -19.09 -16.86 4.32
C VAL B 338 -18.36 -16.13 3.20
N LYS B 339 -17.66 -16.89 2.37
CA LYS B 339 -16.80 -16.32 1.33
C LYS B 339 -17.17 -16.85 -0.05
N PRO B 340 -17.95 -16.09 -0.81
CA PRO B 340 -18.24 -16.46 -2.21
C PRO B 340 -16.95 -16.63 -3.01
N SER B 341 -16.87 -17.71 -3.77
CA SER B 341 -15.63 -18.06 -4.46
C SER B 341 -15.88 -18.60 -5.86
N TYR B 342 -14.87 -18.45 -6.71
CA TYR B 342 -14.94 -18.99 -8.06
C TYR B 342 -13.74 -19.91 -8.31
N GLY B 343 -13.98 -20.93 -9.13
CA GLY B 343 -12.92 -21.84 -9.51
C GLY B 343 -13.46 -22.93 -10.41
N LEU B 344 -12.57 -23.79 -10.91
CA LEU B 344 -12.94 -24.90 -11.77
C LEU B 344 -11.79 -25.88 -11.88
N ALA B 345 -12.06 -27.06 -12.44
CA ALA B 345 -11.08 -28.14 -12.49
C ALA B 345 -9.85 -27.77 -13.33
N GLU B 346 -10.06 -27.03 -14.42
CA GLU B 346 -8.97 -26.65 -15.30
C GLU B 346 -7.89 -25.86 -14.56
N ALA B 347 -8.28 -25.21 -13.47
CA ALA B 347 -7.34 -24.47 -12.62
C ALA B 347 -7.05 -25.23 -11.33
N THR B 348 -7.08 -26.57 -11.41
CA THR B 348 -6.99 -27.46 -10.25
C THR B 348 -8.22 -27.29 -9.36
N LEU B 349 -8.38 -26.11 -8.79
CA LEU B 349 -9.64 -25.76 -8.13
C LEU B 349 -9.84 -24.25 -7.98
N PHE B 350 -9.01 -23.63 -7.16
CA PHE B 350 -9.23 -22.26 -6.70
C PHE B 350 -8.73 -21.16 -7.64
N VAL B 351 -9.58 -20.18 -7.91
CA VAL B 351 -9.22 -19.04 -8.73
C VAL B 351 -9.32 -17.73 -7.96
N SER B 352 -10.44 -17.53 -7.27
CA SER B 352 -10.65 -16.30 -6.52
C SER B 352 -11.58 -16.51 -5.33
N THR B 353 -11.44 -15.64 -4.34
CA THR B 353 -12.36 -15.62 -3.21
C THR B 353 -12.45 -14.24 -2.57
N THR B 354 -13.49 -14.06 -1.78
CA THR B 354 -13.72 -12.83 -1.05
C THR B 354 -12.64 -12.66 0.02
N PRO B 355 -12.10 -11.43 0.15
CA PRO B 355 -11.10 -11.14 1.19
C PRO B 355 -11.63 -11.49 2.59
N MET B 356 -10.74 -11.91 3.49
CA MET B 356 -11.15 -12.48 4.78
C MET B 356 -11.82 -11.50 5.73
N ASP B 357 -11.38 -10.25 5.74
CA ASP B 357 -11.90 -9.27 6.67
C ASP B 357 -13.12 -8.54 6.10
N GLU B 358 -13.60 -9.05 4.97
CA GLU B 358 -14.69 -8.42 4.24
C GLU B 358 -15.96 -9.24 4.27
N VAL B 359 -17.11 -8.57 4.28
CA VAL B 359 -18.38 -9.26 4.12
C VAL B 359 -18.61 -9.45 2.62
N PRO B 360 -19.50 -10.39 2.24
CA PRO B 360 -19.73 -10.60 0.80
C PRO B 360 -20.23 -9.34 0.09
N THR B 361 -19.71 -9.09 -1.10
CA THR B 361 -20.15 -7.96 -1.89
C THR B 361 -21.24 -8.38 -2.87
N VAL B 362 -22.41 -7.75 -2.77
CA VAL B 362 -23.52 -8.02 -3.67
C VAL B 362 -23.99 -6.74 -4.35
N ILE B 363 -24.10 -6.77 -5.67
CA ILE B 363 -24.64 -5.62 -6.41
C ILE B 363 -25.85 -6.05 -7.23
N HIS B 364 -26.52 -5.09 -7.84
CA HIS B 364 -27.64 -5.38 -8.73
C HIS B 364 -27.46 -4.65 -10.06
N VAL B 365 -27.72 -5.36 -11.16
CA VAL B 365 -27.51 -4.80 -12.49
C VAL B 365 -28.79 -4.89 -13.36
N ASP B 366 -28.85 -4.05 -14.39
CA ASP B 366 -29.97 -4.02 -15.32
C ASP B 366 -29.99 -5.30 -16.16
N ARG B 367 -31.15 -5.94 -16.27
CA ARG B 367 -31.28 -7.24 -16.94
C ARG B 367 -30.95 -7.17 -18.42
N ASP B 368 -31.53 -6.17 -19.10
CA ASP B 368 -31.36 -6.01 -20.54
C ASP B 368 -29.89 -5.83 -20.90
N GLU B 369 -29.20 -4.97 -20.16
CA GLU B 369 -27.77 -4.75 -20.36
C GLU B 369 -26.99 -6.03 -20.07
N LEU B 370 -27.41 -6.74 -19.03
CA LEU B 370 -26.77 -8.00 -18.65
C LEU B 370 -26.85 -9.01 -19.80
N ASN B 371 -28.02 -9.11 -20.41
CA ASN B 371 -28.22 -10.00 -21.55
C ASN B 371 -27.52 -9.48 -22.80
N LYS B 372 -27.10 -8.21 -22.77
CA LYS B 372 -26.32 -7.63 -23.85
C LYS B 372 -24.86 -7.51 -23.43
N GLN B 373 -24.49 -8.34 -22.46
CA GLN B 373 -23.11 -8.49 -21.98
C GLN B 373 -22.49 -7.23 -21.36
N ARG B 374 -23.32 -6.38 -20.74
CA ARG B 374 -22.84 -5.18 -20.07
C ARG B 374 -23.35 -5.11 -18.62
N PHE B 375 -22.48 -4.71 -17.70
CA PHE B 375 -22.87 -4.48 -16.31
C PHE B 375 -23.27 -3.02 -16.11
N VAL B 376 -24.54 -2.78 -15.82
CA VAL B 376 -25.03 -1.45 -15.49
C VAL B 376 -25.78 -1.47 -14.16
N GLU B 377 -25.15 -0.90 -13.12
CA GLU B 377 -25.68 -0.99 -11.77
C GLU B 377 -26.99 -0.23 -11.59
N VAL B 378 -27.95 -0.89 -10.94
CA VAL B 378 -29.25 -0.31 -10.65
C VAL B 378 -29.62 -0.60 -9.20
N ALA B 379 -30.61 0.12 -8.68
CA ALA B 379 -31.07 -0.12 -7.31
C ALA B 379 -31.64 -1.52 -7.18
N ALA B 380 -31.50 -2.11 -6.00
CA ALA B 380 -32.04 -3.43 -5.72
C ALA B 380 -33.56 -3.45 -5.88
N ASP B 381 -34.16 -2.29 -5.66
CA ASP B 381 -35.61 -2.13 -5.71
C ASP B 381 -36.17 -2.28 -7.13
N ALA B 382 -35.33 -2.07 -8.12
CA ALA B 382 -35.75 -2.13 -9.53
C ALA B 382 -36.33 -3.50 -9.89
N PRO B 383 -37.47 -3.49 -10.60
CA PRO B 383 -38.21 -4.70 -11.01
C PRO B 383 -37.39 -5.55 -11.96
N ASN B 384 -36.45 -4.89 -12.64
CA ASN B 384 -35.65 -5.52 -13.68
C ASN B 384 -34.20 -5.71 -13.23
N ALA B 385 -34.00 -5.77 -11.92
CA ALA B 385 -32.66 -5.92 -11.34
C ALA B 385 -32.24 -7.38 -11.22
N VAL B 386 -30.97 -7.65 -11.51
CA VAL B 386 -30.43 -8.99 -11.37
C VAL B 386 -29.27 -8.98 -10.37
N ALA B 387 -29.35 -9.85 -9.36
CA ALA B 387 -28.33 -9.90 -8.34
C ALA B 387 -27.03 -10.51 -8.86
N GLN B 388 -25.91 -9.93 -8.45
CA GLN B 388 -24.59 -10.44 -8.82
C GLN B 388 -23.73 -10.52 -7.57
N VAL B 389 -23.25 -11.71 -7.25
CA VAL B 389 -22.44 -11.91 -6.06
C VAL B 389 -20.96 -11.96 -6.46
N SER B 390 -20.18 -11.05 -5.90
CA SER B 390 -18.76 -10.96 -6.20
C SER B 390 -18.03 -12.24 -5.81
N ALA B 391 -17.05 -12.62 -6.62
CA ALA B 391 -16.23 -13.80 -6.34
C ALA B 391 -14.88 -13.38 -5.78
N GLY B 392 -14.74 -12.10 -5.45
CA GLY B 392 -13.57 -11.62 -4.74
C GLY B 392 -12.33 -11.35 -5.57
N LYS B 393 -11.17 -11.57 -4.97
CA LYS B 393 -9.88 -11.28 -5.60
C LYS B 393 -9.21 -12.56 -6.11
N VAL B 394 -8.59 -12.46 -7.28
CA VAL B 394 -7.88 -13.59 -7.89
C VAL B 394 -6.68 -13.97 -7.02
N GLY B 395 -6.43 -15.27 -6.89
CA GLY B 395 -5.36 -15.76 -6.03
C GLY B 395 -3.98 -15.30 -6.47
N VAL B 396 -3.00 -15.51 -5.61
CA VAL B 396 -1.64 -15.06 -5.89
C VAL B 396 -1.01 -15.87 -7.02
N ASP B 397 -0.25 -15.18 -7.87
CA ASP B 397 0.44 -15.78 -9.02
C ASP B 397 -0.47 -16.58 -9.94
N GLU B 398 -1.72 -16.13 -10.05
CA GLU B 398 -2.58 -16.53 -11.16
C GLU B 398 -3.32 -15.29 -11.66
N TRP B 399 -3.82 -15.36 -12.88
CA TRP B 399 -4.42 -14.20 -13.51
C TRP B 399 -5.74 -14.56 -14.16
N ALA B 400 -6.71 -13.66 -14.04
CA ALA B 400 -7.97 -13.82 -14.76
C ALA B 400 -8.23 -12.57 -15.60
N VAL B 401 -8.54 -12.78 -16.86
CA VAL B 401 -8.88 -11.66 -17.74
C VAL B 401 -10.23 -11.90 -18.41
N ILE B 402 -10.92 -10.81 -18.70
CA ILE B 402 -12.19 -10.88 -19.41
C ILE B 402 -11.92 -10.65 -20.89
N VAL B 403 -12.26 -11.64 -21.71
CA VAL B 403 -11.81 -11.64 -23.10
C VAL B 403 -12.94 -11.69 -24.11
N ASP B 404 -12.82 -10.87 -25.15
CA ASP B 404 -13.67 -10.98 -26.31
C ASP B 404 -13.15 -12.13 -27.17
N THR B 405 -13.90 -13.23 -27.19
CA THR B 405 -13.45 -14.46 -27.81
C THR B 405 -13.22 -14.33 -29.32
N GLU B 406 -13.83 -13.32 -29.94
CA GLU B 406 -13.66 -13.13 -31.37
C GLU B 406 -12.28 -12.54 -31.69
N THR B 407 -11.82 -11.65 -30.82
CA THR B 407 -10.57 -10.94 -31.05
C THR B 407 -9.43 -11.40 -30.14
N ALA B 408 -9.76 -12.30 -29.22
CA ALA B 408 -8.82 -12.76 -28.19
C ALA B 408 -8.19 -11.57 -27.47
N SER B 409 -9.01 -10.55 -27.21
CA SER B 409 -8.54 -9.31 -26.63
C SER B 409 -9.24 -9.01 -25.30
N GLU B 410 -8.51 -8.41 -24.39
CA GLU B 410 -9.04 -8.05 -23.08
C GLU B 410 -10.15 -7.02 -23.21
N LEU B 411 -11.23 -7.21 -22.45
CA LEU B 411 -12.32 -6.25 -22.42
C LEU B 411 -12.16 -5.29 -21.25
N PRO B 412 -12.68 -4.06 -21.39
CA PRO B 412 -12.65 -3.11 -20.27
C PRO B 412 -13.61 -3.52 -19.16
N ASP B 413 -13.38 -3.01 -17.94
CA ASP B 413 -14.21 -3.36 -16.79
C ASP B 413 -15.68 -3.03 -17.02
N GLY B 414 -16.56 -3.97 -16.68
CA GLY B 414 -17.99 -3.74 -16.80
C GLY B 414 -18.56 -4.41 -18.03
N GLN B 415 -17.67 -4.82 -18.93
CA GLN B 415 -18.06 -5.55 -20.13
C GLN B 415 -17.90 -7.05 -19.88
N ILE B 416 -18.87 -7.84 -20.33
CA ILE B 416 -18.85 -9.28 -20.09
C ILE B 416 -18.23 -10.05 -21.26
N GLY B 417 -17.30 -10.93 -20.94
CA GLY B 417 -16.68 -11.81 -21.91
C GLY B 417 -16.28 -13.10 -21.24
N GLU B 418 -15.59 -13.98 -21.97
CA GLU B 418 -15.14 -15.23 -21.37
C GLU B 418 -13.94 -14.99 -20.46
N ILE B 419 -13.95 -15.65 -19.31
CA ILE B 419 -12.82 -15.60 -18.39
C ILE B 419 -11.69 -16.51 -18.89
N TRP B 420 -10.49 -15.94 -19.03
CA TRP B 420 -9.32 -16.71 -19.39
C TRP B 420 -8.33 -16.72 -18.23
N LEU B 421 -7.62 -17.82 -18.05
CA LEU B 421 -6.75 -17.98 -16.89
C LEU B 421 -5.32 -18.30 -17.26
N HIS B 422 -4.39 -17.83 -16.41
CA HIS B 422 -2.98 -18.15 -16.56
C HIS B 422 -2.34 -18.29 -15.18
N GLY B 423 -1.51 -19.30 -15.00
CA GLY B 423 -0.86 -19.54 -13.73
C GLY B 423 -0.41 -20.98 -13.58
N ASN B 424 0.53 -21.21 -12.67
CA ASN B 424 1.09 -22.55 -12.45
C ASN B 424 0.12 -23.54 -11.80
N ASN B 425 -1.09 -23.09 -11.48
CA ASN B 425 -2.11 -23.98 -10.95
C ASN B 425 -3.00 -24.55 -12.04
N LEU B 426 -2.79 -24.13 -13.27
CA LEU B 426 -3.64 -24.53 -14.38
C LEU B 426 -3.14 -25.79 -15.08
N GLY B 427 -4.07 -26.71 -15.34
CA GLY B 427 -3.77 -28.00 -15.91
C GLY B 427 -3.16 -27.90 -17.29
N ILE B 428 -2.71 -29.03 -17.82
CA ILE B 428 -2.00 -29.04 -19.09
C ILE B 428 -2.78 -29.70 -20.23
N GLY B 429 -4.04 -30.05 -19.97
CA GLY B 429 -4.88 -30.61 -21.01
C GLY B 429 -5.93 -31.58 -20.51
N TYR B 430 -6.72 -32.10 -21.45
CA TYR B 430 -7.64 -33.19 -21.16
C TYR B 430 -7.04 -34.49 -21.67
N TRP B 431 -7.10 -35.54 -20.85
CA TRP B 431 -6.50 -36.82 -21.19
C TRP B 431 -6.98 -37.40 -22.52
N GLY B 432 -6.03 -37.64 -23.43
CA GLY B 432 -6.32 -38.29 -24.70
C GLY B 432 -7.13 -37.45 -25.67
N LYS B 433 -7.29 -36.17 -25.37
CA LYS B 433 -8.07 -35.28 -26.22
C LYS B 433 -7.19 -34.16 -26.79
N GLU B 434 -6.51 -34.45 -27.89
CA GLU B 434 -5.55 -33.51 -28.50
C GLU B 434 -6.19 -32.18 -28.90
N GLU B 435 -7.27 -32.24 -29.68
CA GLU B 435 -7.89 -31.04 -30.22
C GLU B 435 -8.54 -30.18 -29.12
N GLU B 436 -9.32 -30.81 -28.26
CA GLU B 436 -9.99 -30.09 -27.18
C GLU B 436 -8.98 -29.42 -26.25
N SER B 437 -7.87 -30.12 -25.98
CA SER B 437 -6.80 -29.57 -25.16
C SER B 437 -6.21 -28.32 -25.80
N ALA B 438 -6.00 -28.38 -27.11
CA ALA B 438 -5.45 -27.24 -27.85
C ALA B 438 -6.38 -26.05 -27.76
N GLN B 439 -7.66 -26.27 -28.02
CA GLN B 439 -8.65 -25.21 -27.99
C GLN B 439 -8.78 -24.58 -26.60
N THR B 440 -8.74 -25.42 -25.57
CA THR B 440 -8.92 -24.94 -24.21
C THR B 440 -7.63 -24.34 -23.63
N PHE B 441 -6.50 -24.99 -23.86
CA PHE B 441 -5.27 -24.67 -23.13
C PHE B 441 -4.22 -23.90 -23.92
N ARG B 442 -4.41 -23.76 -25.22
CA ARG B 442 -3.43 -23.05 -26.04
C ARG B 442 -4.03 -21.78 -26.65
N ASN B 443 -4.12 -20.74 -25.83
CA ASN B 443 -4.66 -19.47 -26.28
C ASN B 443 -3.72 -18.35 -25.87
N ILE B 444 -3.55 -17.36 -26.74
CA ILE B 444 -2.75 -16.20 -26.38
C ILE B 444 -3.65 -14.96 -26.28
N LEU B 445 -3.36 -14.12 -25.31
CA LEU B 445 -4.07 -12.85 -25.16
C LEU B 445 -3.45 -11.81 -26.10
N LYS B 446 -4.11 -11.56 -27.21
CA LYS B 446 -3.56 -10.71 -28.26
C LYS B 446 -3.42 -9.25 -27.84
N SER B 447 -4.45 -8.71 -27.19
CA SER B 447 -4.41 -7.31 -26.73
C SER B 447 -4.84 -7.19 -25.27
N ARG B 448 -4.28 -6.19 -24.59
CA ARG B 448 -4.69 -5.85 -23.24
C ARG B 448 -5.28 -4.45 -23.17
N VAL B 449 -5.97 -4.15 -22.07
CA VAL B 449 -6.43 -2.80 -21.80
C VAL B 449 -5.31 -2.08 -21.04
N PRO B 450 -5.36 -0.72 -20.98
CA PRO B 450 -4.29 0.05 -20.33
C PRO B 450 -3.91 -0.42 -18.92
N GLU B 451 -4.89 -0.58 -18.03
CA GLU B 451 -4.58 -1.16 -16.71
C GLU B 451 -5.07 -2.59 -16.68
N SER B 452 -4.30 -3.45 -17.34
CA SER B 452 -4.67 -4.84 -17.58
C SER B 452 -4.71 -5.68 -16.32
N HIS B 453 -5.68 -6.59 -16.26
CA HIS B 453 -5.75 -7.58 -15.19
C HIS B 453 -4.81 -8.74 -15.50
N ALA B 454 -4.17 -8.67 -16.67
CA ALA B 454 -3.14 -9.64 -17.06
C ALA B 454 -1.75 -9.14 -16.66
N GLU B 455 -1.70 -7.92 -16.15
CA GLU B 455 -0.43 -7.30 -15.76
C GLU B 455 0.33 -8.20 -14.79
N GLY B 456 1.55 -8.57 -15.16
CA GLY B 456 2.36 -9.44 -14.34
C GLY B 456 2.55 -10.80 -14.99
N ALA B 457 1.59 -11.18 -15.83
CA ALA B 457 1.70 -12.41 -16.60
C ALA B 457 2.53 -12.15 -17.85
N PRO B 458 3.22 -13.19 -18.35
CA PRO B 458 4.01 -13.02 -19.59
C PRO B 458 3.11 -12.71 -20.78
N ASP B 459 3.54 -11.78 -21.62
CA ASP B 459 2.72 -11.31 -22.74
C ASP B 459 2.43 -12.43 -23.74
N ASP B 460 3.37 -13.36 -23.89
CA ASP B 460 3.23 -14.46 -24.83
C ASP B 460 2.90 -15.79 -24.17
N GLY B 461 2.43 -15.74 -22.93
CA GLY B 461 2.05 -16.94 -22.22
C GLY B 461 0.75 -17.51 -22.73
N LEU B 462 0.55 -18.81 -22.53
CA LEU B 462 -0.70 -19.44 -22.94
C LEU B 462 -1.78 -19.28 -21.88
N TRP B 463 -3.00 -19.04 -22.33
CA TRP B 463 -4.15 -18.83 -21.45
C TRP B 463 -5.15 -19.96 -21.60
N VAL B 464 -5.87 -20.26 -20.52
CA VAL B 464 -6.86 -21.32 -20.51
C VAL B 464 -8.26 -20.76 -20.54
N ARG B 465 -9.08 -21.23 -21.48
CA ARG B 465 -10.47 -20.80 -21.60
C ARG B 465 -11.36 -21.54 -20.61
N THR B 466 -12.07 -20.80 -19.77
CA THR B 466 -12.89 -21.40 -18.71
C THR B 466 -14.26 -21.88 -19.17
N GLY B 467 -14.79 -21.23 -20.20
CA GLY B 467 -16.15 -21.51 -20.63
C GLY B 467 -17.17 -20.68 -19.89
N ASP B 468 -16.68 -19.76 -19.05
CA ASP B 468 -17.56 -18.93 -18.23
C ASP B 468 -17.56 -17.46 -18.65
N TYR B 469 -18.76 -16.87 -18.70
CA TYR B 469 -18.87 -15.42 -18.85
C TYR B 469 -18.59 -14.74 -17.52
N GLY B 470 -17.89 -13.62 -17.58
CA GLY B 470 -17.58 -12.87 -16.38
C GLY B 470 -17.23 -11.43 -16.69
N THR B 471 -16.98 -10.65 -15.63
CA THR B 471 -16.56 -9.27 -15.80
C THR B 471 -15.90 -8.77 -14.52
N TYR B 472 -15.07 -7.75 -14.65
CA TYR B 472 -14.53 -7.04 -13.51
C TYR B 472 -15.37 -5.80 -13.26
N PHE B 473 -15.73 -5.56 -12.00
CA PHE B 473 -16.54 -4.40 -11.65
C PHE B 473 -16.16 -3.87 -10.28
N LYS B 474 -15.57 -2.68 -10.27
CA LYS B 474 -15.13 -2.01 -9.04
C LYS B 474 -14.19 -2.89 -8.22
N GLY B 475 -13.26 -3.55 -8.90
CA GLY B 475 -12.24 -4.33 -8.22
C GLY B 475 -12.62 -5.77 -7.96
N HIS B 476 -13.87 -6.13 -8.25
CA HIS B 476 -14.37 -7.47 -7.96
C HIS B 476 -14.55 -8.29 -9.23
N LEU B 477 -14.33 -9.59 -9.12
CA LEU B 477 -14.59 -10.52 -10.21
C LEU B 477 -15.98 -11.12 -10.09
N TYR B 478 -16.76 -11.03 -11.16
CA TYR B 478 -18.11 -11.57 -11.18
C TYR B 478 -18.25 -12.69 -12.21
N ILE B 479 -18.97 -13.73 -11.83
CA ILE B 479 -19.26 -14.85 -12.72
C ILE B 479 -20.69 -14.75 -13.20
N ALA B 480 -20.88 -14.29 -14.42
CA ALA B 480 -22.22 -14.13 -14.98
C ALA B 480 -22.92 -15.47 -15.14
N GLY B 481 -22.17 -16.46 -15.61
CA GLY B 481 -22.71 -17.78 -15.83
C GLY B 481 -21.87 -18.61 -16.79
N ARG B 482 -22.39 -19.77 -17.18
CA ARG B 482 -21.67 -20.66 -18.08
C ARG B 482 -22.17 -20.49 -19.50
N ILE B 483 -21.25 -20.29 -20.44
CA ILE B 483 -21.58 -19.96 -21.82
C ILE B 483 -22.46 -21.01 -22.51
N LYS B 484 -22.08 -22.27 -22.41
CA LYS B 484 -22.83 -23.35 -23.06
C LYS B 484 -24.19 -23.59 -22.39
N ASP B 485 -24.37 -23.08 -21.18
CA ASP B 485 -25.62 -23.26 -20.45
C ASP B 485 -26.62 -22.13 -20.72
N LEU B 486 -26.24 -21.22 -21.61
CA LEU B 486 -27.11 -20.11 -21.96
C LEU B 486 -28.41 -20.59 -22.59
N VAL B 487 -29.52 -19.95 -22.24
CA VAL B 487 -30.82 -20.30 -22.80
C VAL B 487 -31.14 -19.34 -23.95
N ILE B 488 -31.01 -19.83 -25.17
CA ILE B 488 -31.19 -19.00 -26.36
C ILE B 488 -32.59 -19.14 -26.94
N ILE B 489 -33.40 -18.09 -26.77
CA ILE B 489 -34.76 -18.09 -27.30
C ILE B 489 -34.96 -16.92 -28.25
N ASP B 490 -35.40 -17.23 -29.47
CA ASP B 490 -35.70 -16.23 -30.49
C ASP B 490 -34.57 -15.22 -30.68
N GLY B 491 -33.34 -15.74 -30.78
CA GLY B 491 -32.17 -14.89 -30.95
C GLY B 491 -31.91 -13.97 -29.79
N ARG B 492 -32.14 -14.44 -28.57
CA ARG B 492 -31.82 -13.67 -27.38
C ARG B 492 -31.24 -14.57 -26.30
N ASN B 493 -30.28 -14.04 -25.56
CA ASN B 493 -29.60 -14.81 -24.53
C ASN B 493 -30.29 -14.66 -23.18
N HIS B 494 -30.36 -15.76 -22.44
CA HIS B 494 -30.86 -15.75 -21.07
C HIS B 494 -29.98 -16.61 -20.19
N TYR B 495 -29.61 -16.10 -19.03
CA TYR B 495 -28.94 -16.92 -18.03
C TYR B 495 -30.02 -17.74 -17.32
N PRO B 496 -29.84 -19.08 -17.28
CA PRO B 496 -30.89 -19.94 -16.73
C PRO B 496 -31.20 -19.68 -15.25
N GLN B 497 -30.19 -19.30 -14.47
CA GLN B 497 -30.38 -19.07 -13.04
C GLN B 497 -31.16 -17.78 -12.81
N ASP B 498 -31.13 -16.90 -13.81
CA ASP B 498 -31.89 -15.67 -13.77
C ASP B 498 -33.38 -15.96 -13.94
N LEU B 499 -33.70 -16.76 -14.96
CA LEU B 499 -35.07 -17.21 -15.18
C LEU B 499 -35.60 -17.97 -13.98
N GLU B 500 -34.77 -18.86 -13.46
CA GLU B 500 -35.14 -19.73 -12.36
C GLU B 500 -35.48 -18.95 -11.10
N TYR B 501 -34.72 -17.88 -10.85
CA TYR B 501 -34.94 -17.05 -9.67
C TYR B 501 -36.26 -16.28 -9.79
N THR B 502 -36.56 -15.81 -10.99
CA THR B 502 -37.80 -15.09 -11.25
C THR B 502 -38.99 -16.02 -11.04
N ALA B 503 -38.85 -17.26 -11.50
CA ALA B 503 -39.89 -18.26 -11.37
C ALA B 503 -40.14 -18.60 -9.90
N GLN B 504 -39.03 -18.73 -9.15
CA GLN B 504 -39.06 -19.07 -7.72
C GLN B 504 -39.67 -17.96 -6.87
N GLU B 505 -39.45 -16.72 -7.27
CA GLU B 505 -39.93 -15.56 -6.52
C GLU B 505 -41.35 -15.17 -6.91
N SER B 506 -41.84 -15.75 -7.99
CA SER B 506 -43.19 -15.45 -8.47
C SER B 506 -44.25 -16.22 -7.70
N THR B 507 -43.83 -17.26 -6.99
CA THR B 507 -44.77 -18.13 -6.29
C THR B 507 -44.17 -18.77 -5.05
N LYS B 508 -45.02 -19.06 -4.07
CA LYS B 508 -44.61 -19.73 -2.85
C LYS B 508 -44.65 -21.25 -3.03
N ALA B 509 -45.02 -21.68 -4.23
CA ALA B 509 -45.21 -23.11 -4.50
C ALA B 509 -43.93 -23.81 -4.93
N LEU B 510 -42.91 -23.05 -5.32
CA LEU B 510 -41.67 -23.65 -5.80
C LEU B 510 -40.62 -23.77 -4.71
N ARG B 511 -39.95 -24.92 -4.68
CA ARG B 511 -38.89 -25.17 -3.71
C ARG B 511 -37.66 -24.34 -4.04
N VAL B 512 -37.11 -23.68 -3.03
CA VAL B 512 -35.93 -22.83 -3.20
C VAL B 512 -34.72 -23.61 -3.68
N GLY B 513 -34.19 -23.22 -4.84
CA GLY B 513 -32.97 -23.79 -5.38
C GLY B 513 -33.18 -25.02 -6.24
N TYR B 514 -34.43 -25.40 -6.43
CA TYR B 514 -34.74 -26.60 -7.20
C TYR B 514 -35.69 -26.30 -8.36
N VAL B 515 -35.28 -25.33 -9.18
CA VAL B 515 -36.01 -24.98 -10.39
C VAL B 515 -35.04 -25.04 -11.57
N ALA B 516 -35.51 -25.54 -12.71
CA ALA B 516 -34.66 -25.69 -13.88
C ALA B 516 -35.27 -25.04 -15.12
N ALA B 517 -34.52 -24.10 -15.70
CA ALA B 517 -34.93 -23.44 -16.94
C ALA B 517 -34.09 -23.94 -18.11
N PHE B 518 -34.75 -24.34 -19.19
CA PHE B 518 -34.05 -24.79 -20.38
C PHE B 518 -34.95 -24.68 -21.60
N SER B 519 -34.41 -24.95 -22.77
CA SER B 519 -35.19 -24.89 -24.00
C SER B 519 -35.25 -26.25 -24.70
N VAL B 520 -36.40 -26.53 -25.31
CA VAL B 520 -36.59 -27.72 -26.14
C VAL B 520 -37.14 -27.27 -27.48
N PRO B 521 -36.72 -27.92 -28.58
CA PRO B 521 -37.28 -27.58 -29.89
C PRO B 521 -38.79 -27.72 -29.90
N ALA B 522 -39.46 -26.78 -30.56
CA ALA B 522 -40.92 -26.70 -30.55
C ALA B 522 -41.58 -28.02 -30.94
N ASN B 523 -41.02 -28.70 -31.94
CA ASN B 523 -41.59 -29.94 -32.44
C ASN B 523 -41.52 -31.09 -31.45
N GLN B 524 -40.64 -30.97 -30.47
CA GLN B 524 -40.45 -32.03 -29.48
C GLN B 524 -41.22 -31.76 -28.19
N LEU B 525 -42.00 -30.69 -28.18
CA LEU B 525 -42.84 -30.37 -27.02
C LEU B 525 -44.02 -31.35 -26.97
N PRO B 526 -44.48 -31.69 -25.76
CA PRO B 526 -45.57 -32.65 -25.64
C PRO B 526 -46.91 -32.08 -26.08
N GLN B 527 -47.85 -32.96 -26.43
CA GLN B 527 -49.17 -32.56 -26.89
C GLN B 527 -49.87 -31.68 -25.85
N LYS B 528 -49.55 -31.91 -24.58
CA LYS B 528 -50.11 -31.11 -23.49
C LYS B 528 -49.89 -29.61 -23.69
N VAL B 529 -48.73 -29.25 -24.21
CA VAL B 529 -48.40 -27.86 -24.44
C VAL B 529 -49.30 -27.22 -25.49
N PHE B 530 -49.48 -27.92 -26.61
CA PHE B 530 -50.30 -27.41 -27.70
C PHE B 530 -51.78 -27.40 -27.33
N ASP B 531 -52.15 -28.26 -26.39
CA ASP B 531 -53.52 -28.27 -25.87
C ASP B 531 -53.77 -27.04 -25.00
N ASP B 532 -52.69 -26.46 -24.49
CA ASP B 532 -52.77 -25.31 -23.60
C ASP B 532 -52.73 -24.01 -24.39
N PRO B 533 -53.83 -23.23 -24.35
CA PRO B 533 -53.90 -21.98 -25.08
C PRO B 533 -53.05 -20.87 -24.46
N HIS B 534 -52.65 -21.04 -23.20
CA HIS B 534 -51.78 -20.07 -22.55
C HIS B 534 -50.34 -20.21 -23.05
N ALA B 535 -50.03 -21.37 -23.62
CA ALA B 535 -48.70 -21.62 -24.15
C ALA B 535 -48.45 -20.74 -25.38
N GLY B 536 -49.49 -20.53 -26.17
CA GLY B 536 -49.39 -19.69 -27.36
C GLY B 536 -48.54 -20.35 -28.43
N LEU B 537 -48.81 -21.63 -28.70
CA LEU B 537 -48.03 -22.38 -29.66
C LEU B 537 -48.91 -23.29 -30.51
N SER B 538 -48.52 -23.47 -31.78
CA SER B 538 -49.21 -24.39 -32.67
C SER B 538 -48.23 -25.44 -33.19
N PHE B 539 -48.66 -26.70 -33.23
CA PHE B 539 -47.78 -27.78 -33.60
C PHE B 539 -47.31 -27.71 -35.06
N ASP B 540 -45.99 -27.75 -35.23
CA ASP B 540 -45.38 -27.80 -36.56
C ASP B 540 -44.25 -28.82 -36.50
N PRO B 541 -44.38 -29.93 -37.23
CA PRO B 541 -43.40 -31.02 -37.17
C PRO B 541 -42.04 -30.65 -37.77
N GLU B 542 -41.92 -29.46 -38.35
CA GLU B 542 -40.63 -29.00 -38.84
C GLU B 542 -40.26 -27.64 -38.26
N ASP B 543 -40.94 -27.25 -37.19
CA ASP B 543 -40.53 -26.12 -36.35
C ASP B 543 -39.59 -26.59 -35.24
N THR B 544 -38.33 -26.18 -35.31
CA THR B 544 -37.34 -26.64 -34.35
C THR B 544 -36.82 -25.49 -33.47
N SER B 545 -37.51 -24.35 -33.53
CA SER B 545 -37.11 -23.17 -32.74
C SER B 545 -37.17 -23.44 -31.24
N GLU B 546 -36.16 -22.95 -30.52
CA GLU B 546 -36.04 -23.19 -29.09
C GLU B 546 -37.17 -22.56 -28.27
N GLN B 547 -37.80 -23.37 -27.42
CA GLN B 547 -38.92 -22.91 -26.60
C GLN B 547 -38.65 -23.11 -25.10
N LEU B 548 -38.95 -22.09 -24.31
CA LEU B 548 -38.66 -22.12 -22.87
C LEU B 548 -39.53 -23.09 -22.09
N VAL B 549 -38.90 -24.01 -21.37
CA VAL B 549 -39.58 -24.93 -20.47
C VAL B 549 -39.06 -24.76 -19.04
N ILE B 550 -39.96 -24.79 -18.06
CA ILE B 550 -39.58 -24.68 -16.66
C ILE B 550 -40.01 -25.88 -15.81
N VAL B 551 -39.03 -26.53 -15.20
CA VAL B 551 -39.29 -27.62 -14.29
C VAL B 551 -38.93 -27.20 -12.88
N GLY B 552 -39.85 -27.41 -11.95
CA GLY B 552 -39.63 -26.98 -10.58
C GLY B 552 -40.20 -27.96 -9.57
N GLU B 553 -39.47 -28.15 -8.47
CA GLU B 553 -39.93 -29.02 -7.41
C GLU B 553 -40.87 -28.25 -6.49
N ARG B 554 -41.91 -28.92 -6.02
CA ARG B 554 -42.90 -28.29 -5.16
C ARG B 554 -42.30 -28.06 -3.77
N ALA B 555 -42.59 -26.89 -3.19
CA ALA B 555 -42.12 -26.56 -1.86
C ALA B 555 -42.81 -27.42 -0.80
N ALA B 556 -42.22 -27.46 0.39
CA ALA B 556 -42.77 -28.25 1.50
C ALA B 556 -44.20 -27.83 1.82
N GLY B 557 -45.07 -28.82 1.96
CA GLY B 557 -46.45 -28.60 2.35
C GLY B 557 -47.29 -27.81 1.37
N THR B 558 -46.90 -27.84 0.10
CA THR B 558 -47.65 -27.11 -0.93
C THR B 558 -48.25 -28.05 -1.96
N HIS B 559 -48.23 -29.35 -1.66
CA HIS B 559 -48.70 -30.37 -2.59
C HIS B 559 -50.18 -30.24 -2.95
N LYS B 560 -50.95 -29.55 -2.11
CA LYS B 560 -52.39 -29.41 -2.32
C LYS B 560 -52.76 -28.21 -3.19
N LEU B 561 -51.75 -27.40 -3.54
CA LEU B 561 -51.97 -26.20 -4.35
C LEU B 561 -52.34 -26.53 -5.79
N GLU B 562 -53.23 -25.74 -6.38
CA GLU B 562 -53.67 -25.98 -7.75
C GLU B 562 -52.58 -25.62 -8.76
N TYR B 563 -52.52 -26.37 -9.85
CA TYR B 563 -51.44 -26.23 -10.82
C TYR B 563 -51.48 -24.88 -11.54
N GLN B 564 -52.63 -24.56 -12.11
CA GLN B 564 -52.74 -23.45 -13.06
C GLN B 564 -52.39 -22.07 -12.48
N PRO B 565 -52.83 -21.75 -11.24
CA PRO B 565 -52.37 -20.47 -10.70
C PRO B 565 -50.86 -20.37 -10.56
N ILE B 566 -50.21 -21.49 -10.25
CA ILE B 566 -48.76 -21.54 -10.16
C ILE B 566 -48.11 -21.27 -11.51
N ALA B 567 -48.60 -21.96 -12.53
CA ALA B 567 -48.08 -21.78 -13.89
C ALA B 567 -48.35 -20.36 -14.37
N ASP B 568 -49.53 -19.84 -14.06
CA ASP B 568 -49.91 -18.49 -14.46
C ASP B 568 -48.98 -17.44 -13.85
N ASP B 569 -48.67 -17.62 -12.57
CA ASP B 569 -47.81 -16.69 -11.86
C ASP B 569 -46.40 -16.72 -12.43
N ILE B 570 -45.90 -17.93 -12.67
CA ILE B 570 -44.58 -18.14 -13.25
C ILE B 570 -44.49 -17.53 -14.65
N ARG B 571 -45.45 -17.85 -15.50
CA ARG B 571 -45.50 -17.36 -16.87
C ARG B 571 -45.53 -15.84 -16.94
N ALA B 572 -46.39 -15.23 -16.13
CA ALA B 572 -46.56 -13.78 -16.10
C ALA B 572 -45.29 -13.07 -15.66
N ALA B 573 -44.66 -13.57 -14.61
CA ALA B 573 -43.49 -12.93 -14.03
C ALA B 573 -42.31 -12.95 -14.98
N ILE B 574 -42.15 -14.06 -15.70
CA ILE B 574 -41.04 -14.19 -16.64
C ILE B 574 -41.32 -13.43 -17.94
N ALA B 575 -42.58 -13.38 -18.35
CA ALA B 575 -42.94 -12.61 -19.54
C ALA B 575 -42.65 -11.13 -19.32
N VAL B 576 -43.13 -10.59 -18.20
CA VAL B 576 -42.99 -9.18 -17.92
C VAL B 576 -41.54 -8.85 -17.52
N GLY B 577 -40.83 -9.85 -17.01
CA GLY B 577 -39.48 -9.63 -16.52
C GLY B 577 -38.38 -9.96 -17.52
N HIS B 578 -38.63 -10.90 -18.42
CA HIS B 578 -37.59 -11.37 -19.34
C HIS B 578 -37.99 -11.26 -20.81
N GLY B 579 -39.25 -10.89 -21.05
CA GLY B 579 -39.74 -10.75 -22.41
C GLY B 579 -39.77 -12.06 -23.17
N VAL B 580 -40.00 -13.15 -22.44
CA VAL B 580 -40.07 -14.48 -23.05
C VAL B 580 -41.20 -15.27 -22.40
N THR B 581 -41.87 -16.11 -23.19
CA THR B 581 -43.04 -16.84 -22.71
C THR B 581 -42.72 -18.30 -22.38
N VAL B 582 -43.09 -18.72 -21.18
CA VAL B 582 -42.93 -20.11 -20.77
C VAL B 582 -43.95 -20.95 -21.50
N ARG B 583 -43.48 -21.98 -22.21
CA ARG B 583 -44.38 -22.81 -23.00
C ARG B 583 -44.98 -23.90 -22.12
N ASP B 584 -44.22 -24.35 -21.14
CA ASP B 584 -44.69 -25.40 -20.24
C ASP B 584 -44.08 -25.26 -18.85
N VAL B 585 -44.91 -25.44 -17.83
CA VAL B 585 -44.43 -25.51 -16.45
C VAL B 585 -44.71 -26.90 -15.88
N LEU B 586 -43.66 -27.60 -15.47
CA LEU B 586 -43.80 -28.95 -14.95
C LEU B 586 -43.42 -29.02 -13.48
N LEU B 587 -44.42 -29.23 -12.63
CA LEU B 587 -44.20 -29.36 -11.20
C LEU B 587 -43.94 -30.81 -10.81
N VAL B 588 -42.77 -31.07 -10.26
CA VAL B 588 -42.42 -32.42 -9.83
C VAL B 588 -42.25 -32.47 -8.31
N SER B 589 -42.22 -33.67 -7.75
CA SER B 589 -42.05 -33.84 -6.31
C SER B 589 -40.63 -33.50 -5.91
N ALA B 590 -40.42 -33.26 -4.62
CA ALA B 590 -39.09 -32.92 -4.12
C ALA B 590 -38.13 -34.08 -4.36
N GLY B 591 -36.95 -33.77 -4.89
CA GLY B 591 -35.94 -34.77 -5.13
C GLY B 591 -36.02 -35.43 -6.48
N THR B 592 -36.94 -34.97 -7.33
CA THR B 592 -37.16 -35.60 -8.63
C THR B 592 -36.24 -35.05 -9.72
N ILE B 593 -35.96 -33.75 -9.67
CA ILE B 593 -35.07 -33.13 -10.63
C ILE B 593 -33.67 -33.72 -10.54
N PRO B 594 -33.14 -34.21 -11.68
CA PRO B 594 -31.81 -34.81 -11.75
C PRO B 594 -30.72 -33.87 -11.23
N ARG B 595 -29.72 -34.45 -10.58
CA ARG B 595 -28.64 -33.66 -10.00
C ARG B 595 -27.29 -34.27 -10.32
N THR B 596 -26.28 -33.41 -10.43
CA THR B 596 -24.92 -33.87 -10.74
C THR B 596 -24.33 -34.63 -9.57
N SER B 597 -23.18 -35.24 -9.77
CA SER B 597 -22.53 -36.03 -8.74
C SER B 597 -22.10 -35.15 -7.56
N SER B 598 -22.00 -33.84 -7.79
CA SER B 598 -21.59 -32.93 -6.73
C SER B 598 -22.78 -32.22 -6.10
N GLY B 599 -23.96 -32.42 -6.68
CA GLY B 599 -25.19 -31.89 -6.11
C GLY B 599 -25.80 -30.70 -6.83
N LYS B 600 -25.15 -30.25 -7.90
CA LYS B 600 -25.71 -29.19 -8.72
C LYS B 600 -26.94 -29.70 -9.46
N ILE B 601 -27.76 -28.79 -9.96
CA ILE B 601 -28.91 -29.18 -10.75
C ILE B 601 -28.47 -29.50 -12.17
N GLY B 602 -28.79 -30.71 -12.63
CA GLY B 602 -28.43 -31.13 -13.96
C GLY B 602 -29.50 -30.73 -14.95
N ARG B 603 -29.36 -29.53 -15.51
CA ARG B 603 -30.35 -28.98 -16.43
C ARG B 603 -30.46 -29.85 -17.68
N ARG B 604 -29.32 -30.36 -18.15
CA ARG B 604 -29.29 -31.20 -19.35
C ARG B 604 -30.01 -32.53 -19.11
N ALA B 605 -29.72 -33.17 -17.98
CA ALA B 605 -30.38 -34.42 -17.63
C ALA B 605 -31.87 -34.20 -17.39
N CYS B 606 -32.20 -33.03 -16.84
CA CYS B 606 -33.58 -32.65 -16.61
C CYS B 606 -34.31 -32.41 -17.93
N ARG B 607 -33.60 -31.78 -18.87
CA ARG B 607 -34.13 -31.54 -20.20
C ARG B 607 -34.43 -32.84 -20.92
N THR B 608 -33.49 -33.78 -20.86
CA THR B 608 -33.66 -35.10 -21.43
C THR B 608 -34.85 -35.82 -20.82
N ALA B 609 -34.93 -35.77 -19.48
CA ALA B 609 -36.01 -36.43 -18.76
C ALA B 609 -37.37 -35.79 -19.07
N TYR B 610 -37.35 -34.54 -19.50
CA TYR B 610 -38.58 -33.86 -19.87
C TYR B 610 -39.06 -34.28 -21.26
N ILE B 611 -38.12 -34.36 -22.19
CA ILE B 611 -38.45 -34.67 -23.59
C ILE B 611 -38.92 -36.11 -23.77
N ASP B 612 -38.27 -37.05 -23.10
CA ASP B 612 -38.65 -38.46 -23.22
C ASP B 612 -39.80 -38.84 -22.29
N GLY B 613 -40.30 -37.85 -21.54
CA GLY B 613 -41.48 -38.07 -20.71
C GLY B 613 -41.23 -38.79 -19.40
N SER B 614 -39.97 -38.89 -18.98
CA SER B 614 -39.64 -39.57 -17.74
C SER B 614 -40.09 -38.80 -16.51
N LEU B 615 -40.03 -37.47 -16.57
CA LEU B 615 -40.40 -36.64 -15.44
C LEU B 615 -41.88 -36.75 -15.10
N ARG B 616 -42.74 -36.62 -16.10
CA ARG B 616 -44.18 -36.67 -15.91
C ARG B 616 -44.65 -38.06 -15.47
N THR B 623 -29.28 -40.87 -6.24
CA THR B 623 -28.53 -39.65 -5.99
C THR B 623 -28.12 -39.56 -4.53
N VAL B 624 -26.89 -39.14 -4.30
CA VAL B 624 -26.38 -38.90 -2.94
C VAL B 624 -27.22 -37.91 -2.14
N PHE B 625 -27.59 -36.83 -2.80
CA PHE B 625 -28.20 -35.67 -2.17
C PHE B 625 -29.72 -35.77 -2.11
C2 5SV C . 12.33 36.24 3.39
C4 5SV C . 14.01 34.73 3.55
C6 5SV C . 13.85 36.56 5.14
C5 5SV C . 14.55 35.40 4.69
N1 5SV C . 12.72 36.98 4.46
N3 5SV C . 12.88 35.12 2.87
C8 5SV C . 15.87 33.72 4.31
C9 5SV C . 18.73 30.37 6.27
C10 5SV C . 18.59 31.84 6.74
C11 5SV C . 19.44 32.12 8.00
C12 5SV C . 19.62 33.60 8.33
C13 5SV C . 20.59 33.78 9.51
C14 5SV C . 19.94 33.32 10.82
C15 5SV C . 20.83 32.38 11.66
O2P 5SV C . 19.21 28.74 3.75
P 5SV C . 17.72 28.84 4.26
O1P 5SV C . 17.09 27.60 4.74
O5' 5SV C . 17.08 29.42 2.92
C5' 5SV C . 17.49 30.46 2.13
C4' 5SV C . 16.26 31.18 1.52
O4' 5SV C . 15.36 31.50 2.56
C3' 5SV C . 16.64 32.52 0.86
O3' 5SV C . 17.05 32.19 -0.43
C2' 5SV C . 15.28 33.26 0.91
O2' 5SV C . 14.52 32.84 -0.17
C1' 5SV C . 14.67 32.70 2.23
N9 5SV C . 14.86 33.66 3.32
N7 5SV C . 15.71 34.76 5.14
N6 5SV C . 14.24 37.28 6.23
O3P 5SV C . 17.80 30.10 5.25
C16 5SV C . 22.18 32.99 11.99
C17 5SV C . 22.86 32.26 13.16
C18 5SV C . 22.12 32.55 14.47
C19 5SV C . 22.84 31.88 15.66
C20 5SV C . 22.14 32.22 16.97
C1 GOL D . 29.66 46.46 3.48
O1 GOL D . 28.29 46.14 3.40
C2 GOL D . 30.22 46.02 4.83
O2 GOL D . 30.52 47.17 5.59
C3 GOL D . 31.50 45.22 4.60
O3 GOL D . 32.10 44.92 5.84
C1 GOL E . 15.22 54.87 -0.02
O1 GOL E . 16.52 54.70 0.48
C2 GOL E . 15.00 56.32 -0.42
O2 GOL E . 14.19 56.96 0.54
C3 GOL E . 14.35 56.38 -1.79
O3 GOL E . 13.14 55.65 -1.78
C1 GOL F . 20.99 40.63 31.85
O1 GOL F . 19.65 40.82 32.25
C2 GOL F . 21.03 39.49 30.83
O2 GOL F . 21.33 38.28 31.49
C3 GOL F . 22.05 39.78 29.73
O3 GOL F . 23.35 39.84 30.28
C1 GOL G . 31.05 -0.98 14.81
O1 GOL G . 29.87 -0.72 15.52
C2 GOL G . 31.61 0.30 14.20
O2 GOL G . 31.69 0.18 12.80
C3 GOL G . 33.02 0.55 14.75
O3 GOL G . 33.37 1.91 14.67
C2 5SV H . -21.21 -18.69 -10.51
C4 5SV H . -19.77 -20.43 -10.47
C6 5SV H . -19.68 -18.71 -8.75
C5 5SV H . -19.16 -19.92 -9.28
N1 5SV H . -20.74 -18.08 -9.39
N3 5SV H . -20.82 -19.84 -11.12
C8 5SV H . -18.08 -21.74 -9.79
C9 5SV H . -15.24 -25.34 -8.38
C10 5SV H . -15.48 -24.11 -7.49
C11 5SV H . -14.27 -23.76 -6.62
C12 5SV H . -14.42 -22.43 -5.87
C13 5SV H . -13.29 -22.25 -4.84
C14 5SV H . -13.40 -23.27 -3.68
C15 5SV H . -12.11 -23.29 -2.85
O2P 5SV H . -15.30 -27.18 -10.52
P 5SV H . -16.77 -26.83 -10.05
O1P 5SV H . -17.64 -27.94 -9.67
O5' 5SV H . -17.27 -26.03 -11.33
C5' 5SV H . -16.77 -24.91 -11.96
C4' 5SV H . -17.92 -24.16 -12.68
O4' 5SV H . -18.87 -23.77 -11.68
C3' 5SV H . -17.44 -22.86 -13.36
O3' 5SV H . -17.16 -23.21 -14.66
C2' 5SV H . -18.66 -21.90 -13.22
O2' 5SV H . -19.46 -22.10 -14.34
C1' 5SV H . -19.37 -22.47 -11.94
N9 5SV H . -19.07 -21.60 -10.78
N7 5SV H . -18.10 -20.76 -8.87
N6 5SV H . -19.18 -18.14 -7.62
O3P 5SV H . -16.48 -25.71 -8.96
C16 5SV H . -12.23 -24.12 -1.58
C17 5SV H . -10.89 -24.17 -0.83
C18 5SV H . -11.03 -23.73 0.63
C19 5SV H . -11.32 -24.93 1.53
C20 5SV H . -11.33 -24.51 2.99
C1 GOL I . -2.81 -11.21 -10.45
O1 GOL I . -4.13 -10.91 -10.82
C2 GOL I . -2.63 -11.00 -8.95
O2 GOL I . -1.92 -9.80 -8.73
C3 GOL I . -1.83 -12.18 -8.38
O3 GOL I . -0.55 -12.23 -8.95
C1 GOL J . -16.12 -0.82 -13.51
O1 GOL J . -14.83 -0.88 -12.93
C2 GOL J . -16.43 0.63 -13.88
O2 GOL J . -17.34 1.18 -12.94
C3 GOL J . -17.04 0.69 -15.28
O3 GOL J . -18.27 0.00 -15.32
C1 GOL K . -10.79 -15.46 15.48
O1 GOL K . -9.72 -14.99 14.69
C2 GOL K . -10.56 -16.92 15.85
O2 GOL K . -11.20 -17.75 14.92
C3 GOL K . -11.11 -17.19 17.25
O3 GOL K . -10.81 -18.52 17.61
#